data_7KGZ
#
_entry.id   7KGZ
#
_cell.length_a   54.354
_cell.length_b   161.142
_cell.length_c   86.947
_cell.angle_alpha   90.000
_cell.angle_beta   107.332
_cell.angle_gamma   90.000
#
_symmetry.space_group_name_H-M   'P 1 21 1'
#
loop_
_entity.id
_entity.type
_entity.pdbx_description
1 polymer Beta-glucuronidase
2 non-polymer 'CALCIUM ION'
3 non-polymer 'FLAVIN MONONUCLEOTIDE'
4 non-polymer GLYCEROL
5 water water
#
_entity_poly.entity_id   1
_entity_poly.type   'polypeptide(L)'
_entity_poly.pdbx_seq_one_letter_code
;MRNTIVLEKDWTFYKNPQSESGEAVTLPHTWNAVDGQDGGNDYYRGTCKYVRHFAKPELEKGGRAYLEFNGAAMTADVVV
NGTKLFHHEGGFSTFRVDVTEQLTEDNLLEVYVDNSDNTKVYPQKADFTFYGGLYRMVKLVTVPKVHFVMDYAGGNGMKV
TPEVTILDAAEKQADADVTVELWMTGEATDVTVAVAGETQTVPVENGYARAVFALKNVHLWDGVDDPYLYTAKAELPGGD
VVERTFGCRSFKVDSREGFFLNGRSYPLRGVSRHQDRAGAGNALTYEMHREDMAIVRELGANTIRLAHYQHAQEFYDLCD
ENGIIVWAEIPYITMHMADGTENTLSQMKELIVQNYHHPSIVCWGLSNEITAASAVNEELLENHRRLNDLCHELDKTRPT
VMADVFMLETDSPMLEIPDMNSYNLYFGWYIGELDQNDSFFDEYHSTYPDRVIGLSEYGADANPAYHSANPERGDYTEEY
QCVYHEHMAKMIEERPYLWATHVWNLFDFAADGRDEGGRHGENQKGLVTMDRRIKKDAFYVYKAYWSKAPFVHLCGSRYT
DRAEDVTEIKVYSNQKKVSLFVDGAEKETKEGARIFRFRVPITGTHTIRAVSGDCTDEITVRKVDEPNPDYIFNKQGDVV
NWFDKEDFKADHYSISDTLGELAKNEMANAIVQSLMAQASASRGDVAESVKDNPALQRMMQRMTLASLLKQAGDAVSEEQ
MKALNDALQKIPKN
;
_entity_poly.pdbx_strand_id   A,B
#
# COMPACT_ATOMS: atom_id res chain seq x y z
N MET A 1 27.46 -21.56 -14.89
CA MET A 1 27.99 -22.92 -14.99
C MET A 1 27.05 -23.98 -14.39
N ARG A 2 26.28 -23.61 -13.38
CA ARG A 2 25.13 -24.41 -12.96
C ARG A 2 23.96 -24.10 -13.89
N ASN A 3 23.34 -25.14 -14.46
CA ASN A 3 22.27 -24.97 -15.44
C ASN A 3 21.04 -25.78 -15.03
N THR A 4 19.86 -25.21 -15.29
CA THR A 4 18.60 -25.82 -14.89
C THR A 4 17.64 -25.83 -16.07
N ILE A 5 17.02 -26.98 -16.31
CA ILE A 5 16.07 -27.18 -17.40
C ILE A 5 14.81 -27.77 -16.81
N VAL A 6 13.66 -27.23 -17.18
CA VAL A 6 12.39 -27.70 -16.65
C VAL A 6 11.89 -28.88 -17.48
N LEU A 7 11.52 -29.97 -16.82
CA LEU A 7 10.99 -31.14 -17.51
C LEU A 7 9.47 -31.13 -17.40
N GLU A 8 8.90 -30.17 -18.11
CA GLU A 8 7.47 -29.89 -17.96
C GLU A 8 6.62 -30.61 -19.00
N LYS A 9 7.08 -30.69 -20.24
CA LYS A 9 6.24 -31.21 -21.32
C LYS A 9 6.63 -32.64 -21.68
N ASP A 10 5.76 -33.29 -22.43
CA ASP A 10 6.07 -34.55 -23.12
C ASP A 10 6.15 -35.75 -22.16
N TRP A 11 5.35 -35.73 -21.11
CA TRP A 11 5.18 -36.87 -20.20
C TRP A 11 4.05 -37.77 -20.66
N THR A 12 4.12 -39.04 -20.27
CA THR A 12 3.00 -39.97 -20.46
C THR A 12 2.64 -40.55 -19.10
N PHE A 13 1.37 -40.42 -18.71
CA PHE A 13 0.90 -40.85 -17.40
C PHE A 13 0.11 -42.15 -17.52
N TYR A 14 0.49 -43.16 -16.73
CA TYR A 14 -0.16 -44.48 -16.74
C TYR A 14 -0.84 -44.71 -15.41
N LYS A 15 -2.15 -44.48 -15.34
CA LYS A 15 -2.83 -44.68 -14.06
C LYS A 15 -2.71 -46.12 -13.59
N ASN A 16 -2.64 -47.07 -14.51
CA ASN A 16 -2.25 -48.43 -14.19
C ASN A 16 -0.86 -48.65 -14.76
N PRO A 17 0.19 -48.74 -13.93
CA PRO A 17 1.55 -48.90 -14.48
C PRO A 17 1.72 -50.10 -15.40
N GLN A 18 0.83 -51.10 -15.33
CA GLN A 18 0.99 -52.29 -16.17
C GLN A 18 0.34 -52.16 -17.54
N SER A 19 -0.47 -51.13 -17.77
CA SER A 19 -1.20 -50.98 -19.02
C SER A 19 -0.29 -50.39 -20.10
N GLU A 20 -0.47 -50.86 -21.34
CA GLU A 20 0.46 -50.52 -22.41
C GLU A 20 0.27 -49.08 -22.91
N SER A 21 -0.87 -48.46 -22.66
CA SER A 21 -1.12 -47.13 -23.20
C SER A 21 -1.63 -46.20 -22.11
N GLY A 22 -1.25 -44.92 -22.24
CA GLY A 22 -1.54 -43.94 -21.21
C GLY A 22 -1.98 -42.60 -21.75
N GLU A 23 -1.84 -41.57 -20.93
CA GLU A 23 -2.37 -40.23 -21.20
C GLU A 23 -1.20 -39.25 -21.25
N ALA A 24 -1.06 -38.56 -22.38
CA ALA A 24 -0.10 -37.48 -22.47
C ALA A 24 -0.53 -36.34 -21.54
N VAL A 25 0.39 -35.90 -20.67
CA VAL A 25 0.12 -34.83 -19.72
C VAL A 25 1.31 -33.87 -19.70
N THR A 26 1.07 -32.70 -19.14
CA THR A 26 2.09 -31.71 -18.83
C THR A 26 2.11 -31.48 -17.33
N LEU A 27 3.31 -31.39 -16.74
CA LEU A 27 3.41 -31.03 -15.33
C LEU A 27 3.16 -29.53 -15.17
N PRO A 28 2.64 -29.09 -14.00
CA PRO A 28 2.20 -29.88 -12.84
C PRO A 28 1.00 -30.77 -13.11
N HIS A 29 0.94 -31.92 -12.45
CA HIS A 29 -0.13 -32.88 -12.69
C HIS A 29 -0.52 -33.59 -11.40
N THR A 30 -1.81 -33.86 -11.26
CA THR A 30 -2.31 -34.78 -10.26
C THR A 30 -3.41 -35.59 -10.92
N TRP A 31 -3.53 -36.86 -10.53
CA TRP A 31 -4.60 -37.67 -11.09
C TRP A 31 -5.89 -37.57 -10.29
N ASN A 32 -5.90 -36.75 -9.24
CA ASN A 32 -7.04 -36.64 -8.34
C ASN A 32 -7.76 -35.29 -8.46
N ALA A 33 -7.49 -34.50 -9.51
CA ALA A 33 -8.08 -33.17 -9.58
C ALA A 33 -9.60 -33.25 -9.71
N VAL A 34 -10.14 -34.30 -10.32
CA VAL A 34 -11.58 -34.43 -10.50
C VAL A 34 -12.18 -35.28 -9.38
N ASP A 35 -11.67 -36.51 -9.20
CA ASP A 35 -12.29 -37.46 -8.26
C ASP A 35 -11.96 -37.16 -6.81
N GLY A 36 -11.04 -36.24 -6.54
CA GLY A 36 -10.79 -35.83 -5.18
C GLY A 36 -11.55 -34.60 -4.75
N GLN A 37 -12.42 -34.06 -5.62
CA GLN A 37 -13.19 -32.87 -5.30
C GLN A 37 -14.70 -33.04 -5.43
N ASP A 38 -15.20 -34.27 -5.62
CA ASP A 38 -16.62 -34.46 -5.91
C ASP A 38 -17.37 -35.29 -4.87
N GLY A 39 -16.74 -35.62 -3.74
CA GLY A 39 -17.40 -36.39 -2.70
C GLY A 39 -17.23 -37.89 -2.89
N GLY A 40 -17.92 -38.64 -2.01
CA GLY A 40 -17.92 -40.10 -2.08
C GLY A 40 -16.75 -40.80 -1.41
N ASN A 41 -15.77 -40.07 -0.89
CA ASN A 41 -14.68 -40.69 -0.13
C ASN A 41 -13.97 -41.77 -0.96
N ASP A 42 -13.74 -41.47 -2.25
CA ASP A 42 -13.41 -42.54 -3.18
C ASP A 42 -12.33 -42.20 -4.21
N TYR A 43 -11.62 -41.09 -4.09
CA TYR A 43 -10.63 -40.78 -5.10
C TYR A 43 -9.58 -41.88 -5.17
N TYR A 44 -9.01 -42.09 -6.36
CA TYR A 44 -8.12 -43.22 -6.57
C TYR A 44 -6.81 -43.06 -5.82
N ARG A 45 -6.49 -44.04 -4.97
CA ARG A 45 -5.23 -44.10 -4.25
C ARG A 45 -4.52 -45.39 -4.61
N GLY A 46 -3.23 -45.28 -4.90
CA GLY A 46 -2.46 -46.40 -5.38
C GLY A 46 -1.21 -45.87 -6.05
N THR A 47 -0.55 -46.75 -6.79
CA THR A 47 0.68 -46.39 -7.47
C THR A 47 0.42 -46.15 -8.95
N CYS A 48 0.92 -45.02 -9.46
CA CYS A 48 0.77 -44.66 -10.86
C CYS A 48 2.15 -44.36 -11.41
N LYS A 49 2.24 -44.31 -12.74
CA LYS A 49 3.55 -44.26 -13.41
C LYS A 49 3.60 -43.09 -14.38
N TYR A 50 4.67 -42.30 -14.29
CA TYR A 50 4.99 -41.24 -15.24
C TYR A 50 6.22 -41.63 -16.05
N VAL A 51 6.14 -41.46 -17.37
CA VAL A 51 7.26 -41.78 -18.27
C VAL A 51 7.59 -40.59 -19.15
N ARG A 52 8.88 -40.36 -19.35
CA ARG A 52 9.37 -39.29 -20.20
C ARG A 52 10.78 -39.64 -20.69
N HIS A 53 11.15 -39.05 -21.82
CA HIS A 53 12.52 -39.11 -22.31
C HIS A 53 13.18 -37.76 -22.09
N PHE A 54 14.52 -37.76 -21.97
CA PHE A 54 15.26 -36.51 -21.98
C PHE A 54 16.65 -36.73 -22.58
N ALA A 55 17.15 -35.71 -23.27
CA ALA A 55 18.46 -35.79 -23.89
C ALA A 55 19.56 -35.62 -22.86
N LYS A 56 20.68 -36.31 -23.07
CA LYS A 56 21.86 -36.07 -22.26
C LYS A 56 22.21 -34.58 -22.26
N PRO A 57 22.38 -33.95 -21.11
CA PRO A 57 22.72 -32.53 -21.08
C PRO A 57 24.22 -32.30 -21.16
N GLU A 58 24.59 -31.08 -21.55
CA GLU A 58 26.00 -30.74 -21.65
C GLU A 58 26.63 -30.71 -20.27
N LEU A 59 27.74 -31.42 -20.12
CA LEU A 59 28.43 -31.54 -18.84
C LEU A 59 29.91 -31.22 -18.98
N GLU A 60 30.40 -30.32 -18.13
CA GLU A 60 31.83 -30.13 -17.90
C GLU A 60 32.45 -31.49 -17.61
N LYS A 61 33.76 -31.62 -17.78
CA LYS A 61 34.44 -32.86 -17.42
C LYS A 61 34.29 -33.09 -15.92
N GLY A 62 33.76 -34.25 -15.55
CA GLY A 62 33.47 -34.51 -14.16
C GLY A 62 32.26 -33.79 -13.59
N GLY A 63 31.50 -33.07 -14.41
CA GLY A 63 30.25 -32.49 -13.97
C GLY A 63 29.22 -33.55 -13.62
N ARG A 64 28.16 -33.10 -12.93
CA ARG A 64 27.10 -33.99 -12.45
C ARG A 64 25.74 -33.51 -12.96
N ALA A 65 24.82 -34.46 -13.08
CA ALA A 65 23.47 -34.20 -13.56
C ALA A 65 22.49 -34.74 -12.53
N TYR A 66 21.55 -33.89 -12.10
CA TYR A 66 20.59 -34.22 -11.07
C TYR A 66 19.18 -34.03 -11.61
N LEU A 67 18.33 -35.01 -11.34
CA LEU A 67 16.90 -34.83 -11.47
C LEU A 67 16.41 -34.26 -10.15
N GLU A 68 15.70 -33.15 -10.23
CA GLU A 68 15.16 -32.49 -9.05
C GLU A 68 13.64 -32.61 -9.06
N PHE A 69 13.08 -33.16 -7.99
CA PHE A 69 11.63 -33.26 -7.83
C PHE A 69 11.19 -32.31 -6.72
N ASN A 70 10.33 -31.35 -7.04
CA ASN A 70 9.86 -30.42 -6.03
C ASN A 70 8.58 -30.88 -5.33
N GLY A 71 7.88 -31.88 -5.87
CA GLY A 71 6.67 -32.39 -5.25
C GLY A 71 6.14 -33.66 -5.91
N ALA A 72 6.34 -34.81 -5.27
CA ALA A 72 5.89 -36.11 -5.73
C ALA A 72 5.05 -36.70 -4.61
N ALA A 73 3.72 -36.62 -4.76
CA ALA A 73 2.78 -36.99 -3.71
C ALA A 73 2.34 -38.43 -3.90
N MET A 74 2.69 -39.31 -2.95
CA MET A 74 3.45 -39.02 -1.74
C MET A 74 4.82 -39.72 -1.70
N THR A 75 4.87 -40.92 -2.30
CA THR A 75 6.06 -41.77 -2.35
C THR A 75 6.44 -41.93 -3.81
N ALA A 76 7.70 -41.66 -4.13
CA ALA A 76 8.17 -41.76 -5.49
C ALA A 76 9.33 -42.74 -5.57
N ASP A 77 9.39 -43.47 -6.67
CA ASP A 77 10.54 -44.30 -7.01
C ASP A 77 10.98 -43.90 -8.41
N VAL A 78 12.27 -43.56 -8.54
CA VAL A 78 12.83 -42.95 -9.75
C VAL A 78 13.73 -43.98 -10.43
N VAL A 79 13.41 -44.33 -11.68
CA VAL A 79 14.18 -45.30 -12.45
C VAL A 79 14.63 -44.61 -13.72
N VAL A 80 15.95 -44.54 -13.93
CA VAL A 80 16.53 -43.94 -15.12
C VAL A 80 17.24 -45.02 -15.93
N ASN A 81 16.85 -45.18 -17.20
CA ASN A 81 17.43 -46.19 -18.09
C ASN A 81 17.36 -47.59 -17.48
N GLY A 82 16.26 -47.87 -16.79
CA GLY A 82 16.07 -49.18 -16.18
C GLY A 82 16.73 -49.39 -14.84
N THR A 83 17.55 -48.44 -14.36
CA THR A 83 18.18 -48.54 -13.06
C THR A 83 17.36 -47.76 -12.03
N LYS A 84 16.93 -48.46 -10.97
CA LYS A 84 16.29 -47.79 -9.85
C LYS A 84 17.32 -46.97 -9.08
N LEU A 85 17.05 -45.68 -8.92
CA LEU A 85 18.02 -44.77 -8.32
C LEU A 85 17.58 -44.15 -7.01
N PHE A 86 16.28 -44.01 -6.75
CA PHE A 86 15.86 -43.23 -5.60
C PHE A 86 14.47 -43.65 -5.13
N HIS A 87 14.28 -43.53 -3.82
CA HIS A 87 13.00 -43.81 -3.20
C HIS A 87 12.75 -42.70 -2.19
N HIS A 88 11.68 -41.93 -2.38
CA HIS A 88 11.41 -40.80 -1.51
C HIS A 88 10.03 -40.94 -0.90
N GLU A 89 9.95 -40.71 0.41
CA GLU A 89 8.70 -40.74 1.13
C GLU A 89 8.47 -39.35 1.71
N GLY A 90 7.46 -38.66 1.20
CA GLY A 90 7.16 -37.31 1.63
C GLY A 90 6.72 -36.53 0.43
N GLY A 91 5.45 -36.12 0.41
CA GLY A 91 4.85 -35.57 -0.79
C GLY A 91 5.00 -34.08 -0.97
N PHE A 92 5.74 -33.38 -0.10
CA PHE A 92 5.65 -31.93 -0.02
C PHE A 92 7.01 -31.25 -0.02
N SER A 93 8.08 -31.99 -0.25
CA SER A 93 9.43 -31.47 -0.13
C SER A 93 10.23 -31.87 -1.38
N THR A 94 11.30 -31.13 -1.61
CA THR A 94 12.18 -31.40 -2.74
C THR A 94 13.12 -32.56 -2.44
N PHE A 95 13.42 -33.37 -3.46
CA PHE A 95 14.50 -34.33 -3.39
C PHE A 95 15.20 -34.40 -4.75
N ARG A 96 16.42 -34.95 -4.77
CA ARG A 96 17.26 -34.90 -5.95
C ARG A 96 17.93 -36.25 -6.18
N VAL A 97 18.16 -36.57 -7.45
CA VAL A 97 18.71 -37.86 -7.85
C VAL A 97 19.89 -37.63 -8.79
N ASP A 98 21.05 -38.15 -8.40
CA ASP A 98 22.22 -38.08 -9.26
C ASP A 98 22.09 -39.11 -10.37
N VAL A 99 21.89 -38.65 -11.61
CA VAL A 99 21.72 -39.57 -12.73
C VAL A 99 22.97 -39.65 -13.61
N THR A 100 24.09 -39.09 -13.16
CA THR A 100 25.24 -38.92 -14.04
C THR A 100 25.68 -40.24 -14.65
N GLU A 101 25.94 -41.25 -13.82
CA GLU A 101 26.52 -42.49 -14.33
C GLU A 101 25.57 -43.30 -15.20
N GLN A 102 24.28 -43.00 -15.22
CA GLN A 102 23.34 -43.71 -16.07
C GLN A 102 23.03 -42.99 -17.37
N LEU A 103 23.62 -41.83 -17.62
CA LEU A 103 23.29 -41.05 -18.80
C LEU A 103 23.72 -41.75 -20.09
N THR A 104 22.83 -41.75 -21.08
CA THR A 104 23.24 -41.96 -22.46
C THR A 104 22.62 -40.84 -23.28
N GLU A 105 22.65 -40.95 -24.61
CA GLU A 105 22.20 -39.81 -25.43
C GLU A 105 20.71 -39.55 -25.27
N ASP A 106 19.90 -40.61 -25.25
CA ASP A 106 18.45 -40.53 -25.09
C ASP A 106 18.09 -41.32 -23.85
N ASN A 107 17.61 -40.64 -22.83
CA ASN A 107 17.41 -41.24 -21.51
C ASN A 107 15.95 -41.48 -21.22
N LEU A 108 15.64 -42.66 -20.71
CA LEU A 108 14.31 -43.01 -20.27
C LEU A 108 14.16 -42.71 -18.78
N LEU A 109 13.09 -42.00 -18.43
CA LEU A 109 12.79 -41.67 -17.04
C LEU A 109 11.44 -42.26 -16.70
N GLU A 110 11.41 -43.15 -15.71
CA GLU A 110 10.17 -43.69 -15.17
C GLU A 110 10.07 -43.31 -13.70
N VAL A 111 8.94 -42.74 -13.31
CA VAL A 111 8.70 -42.36 -11.93
C VAL A 111 7.40 -42.99 -11.47
N TYR A 112 7.49 -43.90 -10.51
CA TYR A 112 6.32 -44.46 -9.86
C TYR A 112 5.97 -43.56 -8.67
N VAL A 113 4.72 -43.12 -8.62
CA VAL A 113 4.26 -42.21 -7.57
C VAL A 113 3.07 -42.86 -6.89
N ASP A 114 3.08 -42.87 -5.56
CA ASP A 114 2.09 -43.60 -4.77
C ASP A 114 1.53 -42.70 -3.68
N ASN A 115 0.21 -42.62 -3.59
CA ASN A 115 -0.49 -41.93 -2.50
C ASN A 115 -1.39 -42.90 -1.75
N SER A 116 -0.96 -44.15 -1.65
CA SER A 116 -1.77 -45.20 -1.06
C SER A 116 -1.84 -45.07 0.45
N ASP A 117 -2.80 -45.79 1.05
CA ASP A 117 -2.90 -45.84 2.51
C ASP A 117 -1.91 -46.85 3.06
N ASN A 118 -1.09 -46.40 4.00
CA ASN A 118 -0.07 -47.24 4.62
C ASN A 118 0.29 -46.61 5.95
N THR A 119 1.11 -47.32 6.74
CA THR A 119 1.48 -46.86 8.07
C THR A 119 2.84 -46.20 8.10
N LYS A 120 3.43 -45.91 6.94
CA LYS A 120 4.79 -45.41 6.88
C LYS A 120 4.89 -43.92 6.51
N VAL A 121 4.01 -43.38 5.67
CA VAL A 121 4.15 -42.03 5.14
C VAL A 121 2.96 -41.19 5.57
N TYR A 122 3.22 -40.15 6.37
CA TYR A 122 2.20 -39.15 6.66
C TYR A 122 1.97 -38.26 5.43
N PRO A 123 0.75 -37.74 5.25
CA PRO A 123 -0.45 -37.92 6.08
C PRO A 123 -1.27 -39.14 5.69
N GLN A 124 -2.05 -39.68 6.65
CA GLN A 124 -2.97 -40.78 6.36
C GLN A 124 -4.37 -40.50 6.88
N LYS A 125 -4.50 -39.69 7.94
CA LYS A 125 -5.82 -39.42 8.53
C LYS A 125 -5.98 -37.91 8.68
N ALA A 126 -6.69 -37.29 7.74
CA ALA A 126 -6.87 -35.86 7.82
C ALA A 126 -8.09 -35.47 7.00
N ASP A 127 -8.54 -34.24 7.24
CA ASP A 127 -9.67 -33.62 6.55
C ASP A 127 -9.23 -32.89 5.28
N PHE A 128 -8.49 -33.58 4.41
CA PHE A 128 -8.16 -33.02 3.10
C PHE A 128 -7.74 -34.12 2.15
N THR A 129 -7.99 -33.89 0.86
CA THR A 129 -7.72 -34.89 -0.16
C THR A 129 -6.22 -35.04 -0.38
N PHE A 130 -5.76 -36.30 -0.41
CA PHE A 130 -4.34 -36.60 -0.55
C PHE A 130 -3.99 -36.77 -2.04
N TYR A 131 -4.13 -35.67 -2.78
CA TYR A 131 -3.85 -35.72 -4.22
C TYR A 131 -2.52 -36.42 -4.46
N GLY A 132 -2.50 -37.33 -5.43
CA GLY A 132 -1.27 -37.96 -5.85
C GLY A 132 -0.77 -37.38 -7.17
N GLY A 133 0.53 -37.52 -7.41
CA GLY A 133 1.11 -37.17 -8.68
C GLY A 133 2.29 -36.23 -8.54
N LEU A 134 2.86 -35.88 -9.70
CA LEU A 134 3.93 -34.88 -9.77
C LEU A 134 3.27 -33.51 -9.90
N TYR A 135 2.75 -33.02 -8.77
CA TYR A 135 1.93 -31.82 -8.77
C TYR A 135 2.77 -30.55 -8.66
N ARG A 136 4.10 -30.68 -8.59
CA ARG A 136 5.04 -29.59 -8.73
C ARG A 136 6.10 -30.01 -9.75
N MET A 137 6.94 -29.06 -10.15
CA MET A 137 7.78 -29.26 -11.32
C MET A 137 8.90 -30.27 -11.07
N VAL A 138 9.35 -30.91 -12.16
CA VAL A 138 10.56 -31.73 -12.18
C VAL A 138 11.60 -31.00 -13.02
N LYS A 139 12.83 -30.96 -12.55
CA LYS A 139 13.87 -30.24 -13.25
C LYS A 139 15.11 -31.11 -13.43
N LEU A 140 15.90 -30.76 -14.43
CA LEU A 140 17.19 -31.36 -14.70
C LEU A 140 18.25 -30.32 -14.42
N VAL A 141 19.10 -30.57 -13.43
CA VAL A 141 20.10 -29.61 -12.99
C VAL A 141 21.48 -30.21 -13.21
N THR A 142 22.36 -29.45 -13.85
CA THR A 142 23.73 -29.87 -14.07
C THR A 142 24.68 -28.90 -13.35
N VAL A 143 25.72 -29.45 -12.74
CA VAL A 143 26.67 -28.67 -11.96
C VAL A 143 28.09 -29.03 -12.41
N PRO A 144 29.05 -28.14 -12.18
CA PRO A 144 30.45 -28.50 -12.42
C PRO A 144 30.92 -29.52 -11.39
N LYS A 145 32.08 -30.13 -11.68
CA LYS A 145 32.63 -31.17 -10.80
C LYS A 145 32.75 -30.67 -9.36
N VAL A 146 33.22 -29.46 -9.18
CA VAL A 146 33.24 -28.82 -7.87
C VAL A 146 31.94 -28.02 -7.74
N HIS A 147 31.13 -28.36 -6.74
CA HIS A 147 29.79 -27.79 -6.66
C HIS A 147 29.29 -27.86 -5.23
N PHE A 148 28.36 -26.96 -4.89
CA PHE A 148 27.66 -27.02 -3.62
C PHE A 148 26.78 -28.27 -3.56
N VAL A 149 26.71 -28.90 -2.38
CA VAL A 149 26.12 -30.24 -2.33
C VAL A 149 24.68 -30.19 -2.81
N MET A 150 24.27 -31.25 -3.52
CA MET A 150 22.93 -31.34 -4.06
C MET A 150 22.07 -32.41 -3.40
N ASP A 151 22.64 -33.25 -2.54
CA ASP A 151 21.97 -34.45 -2.06
C ASP A 151 21.67 -34.40 -0.57
N TYR A 152 21.78 -33.23 0.07
CA TYR A 152 21.50 -33.12 1.50
C TYR A 152 20.09 -32.54 1.71
N ALA A 153 19.10 -33.44 1.76
CA ALA A 153 17.74 -33.14 2.22
C ALA A 153 17.05 -32.06 1.38
N GLY A 154 17.34 -31.98 0.09
CA GLY A 154 16.71 -31.01 -0.76
C GLY A 154 17.17 -29.57 -0.58
N GLY A 155 18.08 -29.30 0.36
CA GLY A 155 18.71 -28.00 0.45
C GLY A 155 19.64 -27.73 -0.73
N ASN A 156 20.23 -26.54 -0.72
CA ASN A 156 21.16 -26.15 -1.77
C ASN A 156 22.56 -25.91 -1.24
N GLY A 157 22.87 -26.48 -0.07
CA GLY A 157 24.19 -26.35 0.52
C GLY A 157 24.49 -25.01 1.15
N MET A 158 23.50 -24.15 1.33
CA MET A 158 23.68 -22.85 1.98
C MET A 158 22.76 -22.76 3.20
N LYS A 159 23.31 -22.28 4.32
CA LYS A 159 22.52 -21.96 5.51
C LYS A 159 22.89 -20.55 5.94
N VAL A 160 21.93 -19.64 5.91
CA VAL A 160 22.19 -18.22 6.13
C VAL A 160 21.43 -17.80 7.38
N THR A 161 22.15 -17.23 8.35
CA THR A 161 21.58 -16.88 9.66
C THR A 161 21.81 -15.42 9.98
N PRO A 162 20.79 -14.57 9.92
CA PRO A 162 20.92 -13.20 10.43
C PRO A 162 20.65 -13.15 11.93
N GLU A 163 21.56 -12.55 12.69
CA GLU A 163 21.35 -12.25 14.10
C GLU A 163 21.20 -10.73 14.22
N VAL A 164 20.00 -10.30 14.55
CA VAL A 164 19.65 -8.89 14.51
C VAL A 164 19.72 -8.32 15.91
N THR A 165 20.32 -7.13 16.05
CA THR A 165 20.26 -6.35 17.27
C THR A 165 19.50 -5.05 16.98
N ILE A 166 18.37 -4.86 17.63
CA ILE A 166 17.63 -3.60 17.46
C ILE A 166 18.29 -2.52 18.31
N LEU A 167 18.79 -1.47 17.65
CA LEU A 167 19.39 -0.33 18.31
C LEU A 167 18.38 0.75 18.67
N ASP A 168 17.38 0.96 17.82
CA ASP A 168 16.37 1.99 18.06
C ASP A 168 15.09 1.56 17.34
N ALA A 169 14.10 1.09 18.11
CA ALA A 169 12.92 0.50 17.49
C ALA A 169 12.13 1.53 16.68
N ALA A 170 11.97 2.75 17.21
CA ALA A 170 11.16 3.75 16.51
C ALA A 170 11.81 4.21 15.20
N GLU A 171 13.14 4.31 15.18
CA GLU A 171 13.90 4.62 13.97
C GLU A 171 14.18 3.41 13.08
N LYS A 172 13.83 2.20 13.50
CA LYS A 172 14.15 0.99 12.73
C LYS A 172 15.65 0.87 12.49
N GLN A 173 16.45 1.26 13.49
CA GLN A 173 17.90 1.13 13.43
C GLN A 173 18.31 -0.20 14.04
N ALA A 174 19.12 -0.95 13.30
CA ALA A 174 19.49 -2.30 13.70
C ALA A 174 20.78 -2.68 13.01
N ASP A 175 21.57 -3.50 13.68
CA ASP A 175 22.68 -4.21 13.06
C ASP A 175 22.33 -5.68 12.95
N ALA A 176 23.05 -6.38 12.07
CA ALA A 176 22.88 -7.82 11.94
C ALA A 176 24.19 -8.49 11.57
N ASP A 177 24.58 -9.50 12.35
CA ASP A 177 25.61 -10.44 11.89
C ASP A 177 24.93 -11.49 11.04
N VAL A 178 25.36 -11.59 9.79
CA VAL A 178 24.83 -12.57 8.86
C VAL A 178 25.91 -13.64 8.69
N THR A 179 25.65 -14.82 9.21
CA THR A 179 26.53 -15.98 9.01
C THR A 179 26.03 -16.77 7.82
N VAL A 180 26.94 -17.08 6.90
CA VAL A 180 26.67 -17.90 5.73
C VAL A 180 27.50 -19.16 5.86
N GLU A 181 26.84 -20.31 6.03
CA GLU A 181 27.52 -21.59 6.08
C GLU A 181 27.25 -22.36 4.80
N LEU A 182 28.27 -23.06 4.31
CA LEU A 182 28.23 -23.65 2.98
C LEU A 182 28.81 -25.05 3.05
N TRP A 183 28.22 -25.96 2.29
CA TRP A 183 28.69 -27.33 2.15
C TRP A 183 28.91 -27.60 0.67
N MET A 184 30.05 -28.22 0.35
CA MET A 184 30.43 -28.41 -1.04
C MET A 184 31.24 -29.69 -1.16
N THR A 185 31.34 -30.17 -2.40
CA THR A 185 32.12 -31.35 -2.72
C THR A 185 33.07 -31.01 -3.85
N GLY A 186 34.19 -31.73 -3.91
CA GLY A 186 35.18 -31.51 -4.96
C GLY A 186 36.49 -30.91 -4.52
N GLU A 187 36.64 -30.59 -3.23
CA GLU A 187 37.94 -30.22 -2.65
C GLU A 187 38.46 -28.87 -3.17
N ALA A 188 37.57 -27.89 -3.33
CA ALA A 188 38.05 -26.55 -3.61
C ALA A 188 38.74 -25.97 -2.38
N THR A 189 39.57 -24.95 -2.61
CA THR A 189 40.38 -24.40 -1.53
C THR A 189 39.74 -23.21 -0.83
N ASP A 190 38.79 -22.54 -1.48
CA ASP A 190 38.18 -21.33 -0.91
C ASP A 190 36.90 -21.04 -1.66
N VAL A 191 36.09 -20.15 -1.08
CA VAL A 191 34.81 -19.77 -1.67
C VAL A 191 34.56 -18.29 -1.40
N THR A 192 33.84 -17.64 -2.32
CA THR A 192 33.56 -16.22 -2.23
C THR A 192 32.07 -15.95 -2.02
N VAL A 193 31.75 -15.16 -1.00
CA VAL A 193 30.37 -14.91 -0.60
C VAL A 193 30.06 -13.42 -0.73
N ALA A 194 28.84 -13.13 -1.20
CA ALA A 194 28.37 -11.78 -1.48
C ALA A 194 27.09 -11.53 -0.67
N VAL A 195 27.14 -10.55 0.22
CA VAL A 195 25.99 -10.16 1.02
C VAL A 195 25.96 -8.64 1.07
N ALA A 196 24.87 -8.03 0.61
CA ALA A 196 24.62 -6.61 0.86
C ALA A 196 25.74 -5.74 0.25
N GLY A 197 26.08 -6.04 -1.00
CA GLY A 197 27.10 -5.29 -1.69
C GLY A 197 28.52 -5.48 -1.16
N GLU A 198 28.73 -6.33 -0.17
CA GLU A 198 30.07 -6.70 0.27
C GLU A 198 30.40 -8.10 -0.24
N THR A 199 31.70 -8.38 -0.39
CA THR A 199 32.16 -9.70 -0.72
C THR A 199 33.30 -10.11 0.22
N GLN A 200 33.53 -11.42 0.28
CA GLN A 200 34.45 -11.99 1.25
C GLN A 200 34.86 -13.37 0.77
N THR A 201 36.16 -13.68 0.81
CA THR A 201 36.64 -15.02 0.47
C THR A 201 37.06 -15.74 1.75
N VAL A 202 36.53 -16.94 1.96
CA VAL A 202 36.88 -17.71 3.15
C VAL A 202 37.33 -19.09 2.70
N PRO A 203 38.10 -19.79 3.54
CA PRO A 203 38.60 -21.12 3.17
C PRO A 203 37.50 -22.18 3.18
N VAL A 204 37.72 -23.22 2.38
CA VAL A 204 36.93 -24.44 2.42
C VAL A 204 37.73 -25.49 3.18
N GLU A 205 37.11 -26.12 4.17
CA GLU A 205 37.76 -27.12 5.01
C GLU A 205 36.82 -28.31 5.14
N ASN A 206 37.26 -29.47 4.65
CA ASN A 206 36.46 -30.70 4.72
C ASN A 206 35.04 -30.46 4.21
N GLY A 207 34.92 -29.83 3.04
CA GLY A 207 33.61 -29.64 2.42
C GLY A 207 32.72 -28.59 3.05
N TYR A 208 33.26 -27.76 3.92
CA TYR A 208 32.47 -26.79 4.66
C TYR A 208 33.19 -25.44 4.67
N ALA A 209 32.42 -24.37 4.61
CA ALA A 209 32.95 -23.01 4.70
C ALA A 209 31.99 -22.16 5.52
N ARG A 210 32.53 -21.10 6.12
CA ARG A 210 31.75 -20.18 6.94
C ARG A 210 32.21 -18.75 6.75
N ALA A 211 31.28 -17.85 6.47
CA ALA A 211 31.59 -16.43 6.33
C ALA A 211 30.59 -15.62 7.15
N VAL A 212 31.10 -14.65 7.91
CA VAL A 212 30.28 -13.79 8.75
C VAL A 212 30.37 -12.37 8.21
N PHE A 213 29.21 -11.75 7.97
CA PHE A 213 29.14 -10.35 7.56
C PHE A 213 28.56 -9.54 8.71
N ALA A 214 29.29 -8.52 9.15
CA ALA A 214 28.86 -7.64 10.24
C ALA A 214 28.25 -6.39 9.60
N LEU A 215 26.95 -6.46 9.31
CA LEU A 215 26.22 -5.35 8.69
C LEU A 215 25.77 -4.33 9.75
N LYS A 216 25.89 -3.06 9.41
CA LYS A 216 25.44 -1.97 10.26
C LYS A 216 24.25 -1.29 9.62
N ASN A 217 23.28 -0.89 10.44
CA ASN A 217 22.12 -0.15 9.96
C ASN A 217 21.43 -0.90 8.82
N VAL A 218 21.16 -2.18 9.05
CA VAL A 218 20.52 -2.98 8.02
C VAL A 218 19.11 -2.45 7.77
N HIS A 219 18.61 -2.77 6.58
CA HIS A 219 17.23 -2.52 6.23
C HIS A 219 16.37 -3.68 6.73
N LEU A 220 15.69 -3.46 7.85
CA LEU A 220 14.92 -4.52 8.48
C LEU A 220 13.78 -5.00 7.59
N TRP A 221 13.61 -6.31 7.54
CA TRP A 221 12.38 -6.93 7.08
C TRP A 221 11.32 -6.72 8.15
N ASP A 222 10.34 -5.87 7.88
CA ASP A 222 9.51 -5.32 8.95
C ASP A 222 8.01 -5.58 8.68
N GLY A 223 7.67 -6.72 8.12
CA GLY A 223 6.25 -7.05 7.98
C GLY A 223 5.64 -6.38 6.75
N VAL A 224 4.32 -6.16 6.80
CA VAL A 224 3.60 -5.80 5.58
C VAL A 224 4.04 -4.42 5.06
N ASP A 225 4.49 -3.54 5.94
CA ASP A 225 4.79 -2.19 5.48
C ASP A 225 6.17 -2.06 4.85
N ASP A 226 7.03 -3.07 5.00
CA ASP A 226 8.36 -2.91 4.43
C ASP A 226 9.09 -4.24 4.42
N PRO A 227 8.74 -5.15 3.53
CA PRO A 227 9.39 -6.49 3.50
C PRO A 227 10.70 -6.48 2.73
N TYR A 228 11.70 -5.76 3.23
CA TYR A 228 12.96 -5.65 2.51
C TYR A 228 13.74 -6.96 2.59
N LEU A 229 14.24 -7.41 1.45
CA LEU A 229 14.94 -8.68 1.36
C LEU A 229 16.36 -8.47 0.83
N TYR A 230 17.29 -9.27 1.35
CA TYR A 230 18.67 -9.32 0.91
C TYR A 230 18.91 -10.61 0.16
N THR A 231 20.13 -10.73 -0.38
CA THR A 231 20.57 -11.95 -1.02
C THR A 231 21.93 -12.37 -0.48
N ALA A 232 22.07 -13.65 -0.16
CA ALA A 232 23.36 -14.25 0.09
C ALA A 232 23.72 -15.11 -1.12
N LYS A 233 24.88 -14.84 -1.71
CA LYS A 233 25.32 -15.57 -2.89
C LYS A 233 26.72 -16.08 -2.66
N ALA A 234 26.98 -17.34 -3.07
CA ALA A 234 28.27 -17.97 -2.92
C ALA A 234 28.74 -18.51 -4.27
N GLU A 235 30.05 -18.43 -4.51
CA GLU A 235 30.60 -18.82 -5.82
C GLU A 235 31.87 -19.62 -5.61
N LEU A 236 31.94 -20.77 -6.25
CA LEU A 236 33.11 -21.64 -6.15
C LEU A 236 34.09 -21.38 -7.29
N PRO A 237 35.35 -21.76 -7.11
CA PRO A 237 36.22 -21.95 -8.28
C PRO A 237 35.62 -23.00 -9.19
N GLY A 238 35.57 -22.70 -10.49
CA GLY A 238 34.91 -23.57 -11.44
C GLY A 238 33.52 -23.13 -11.83
N GLY A 239 32.94 -22.16 -11.14
CA GLY A 239 31.76 -21.46 -11.61
C GLY A 239 30.46 -21.78 -10.91
N ASP A 240 30.41 -22.76 -10.01
CA ASP A 240 29.14 -23.09 -9.37
C ASP A 240 28.70 -21.94 -8.45
N VAL A 241 27.39 -21.70 -8.44
CA VAL A 241 26.80 -20.56 -7.75
C VAL A 241 25.50 -21.01 -7.09
N VAL A 242 25.34 -20.71 -5.79
CA VAL A 242 24.05 -20.84 -5.11
C VAL A 242 23.75 -19.53 -4.38
N GLU A 243 22.47 -19.32 -4.09
CA GLU A 243 22.06 -18.15 -3.33
C GLU A 243 20.78 -18.43 -2.55
N ARG A 244 20.52 -17.56 -1.58
CA ARG A 244 19.34 -17.55 -0.74
C ARG A 244 18.95 -16.10 -0.48
N THR A 245 17.68 -15.78 -0.68
CA THR A 245 17.15 -14.54 -0.12
C THR A 245 17.06 -14.69 1.39
N PHE A 246 17.22 -13.58 2.09
CA PHE A 246 16.97 -13.58 3.53
C PHE A 246 16.51 -12.20 3.94
N GLY A 247 15.91 -12.15 5.13
CA GLY A 247 15.53 -10.89 5.72
C GLY A 247 16.11 -10.76 7.12
N CYS A 248 16.29 -9.51 7.54
CA CYS A 248 16.77 -9.18 8.88
C CYS A 248 15.57 -8.77 9.73
N ARG A 249 15.22 -9.61 10.69
CA ARG A 249 14.21 -9.19 11.66
C ARG A 249 14.45 -9.95 12.96
N SER A 250 14.21 -9.27 14.07
CA SER A 250 14.09 -9.94 15.34
C SER A 250 12.63 -9.96 15.74
N PHE A 251 12.28 -10.94 16.58
CA PHE A 251 10.93 -11.10 17.08
C PHE A 251 10.98 -11.86 18.40
N LYS A 252 9.93 -11.70 19.18
CA LYS A 252 9.76 -12.48 20.39
C LYS A 252 8.27 -12.61 20.65
N VAL A 253 7.93 -13.62 21.43
CA VAL A 253 6.55 -13.92 21.80
C VAL A 253 6.45 -13.83 23.32
N ASP A 254 5.59 -12.94 23.81
CA ASP A 254 5.37 -12.75 25.22
C ASP A 254 4.04 -13.40 25.61
N SER A 255 4.04 -14.19 26.69
CA SER A 255 2.84 -14.95 27.02
C SER A 255 1.68 -14.06 27.42
N ARG A 256 1.94 -12.84 27.88
CA ARG A 256 0.91 -11.91 28.27
C ARG A 256 0.58 -10.87 27.21
N GLU A 257 1.55 -10.50 26.37
CA GLU A 257 1.39 -9.37 25.48
C GLU A 257 1.42 -9.74 24.00
N GLY A 258 1.67 -10.99 23.66
CA GLY A 258 1.60 -11.40 22.28
C GLY A 258 2.92 -11.27 21.54
N PHE A 259 2.78 -11.19 20.22
CA PHE A 259 3.92 -11.25 19.30
C PHE A 259 4.55 -9.86 19.14
N PHE A 260 5.87 -9.83 19.07
CA PHE A 260 6.60 -8.58 18.91
C PHE A 260 7.54 -8.70 17.73
N LEU A 261 7.60 -7.67 16.91
CA LEU A 261 8.44 -7.66 15.73
C LEU A 261 9.31 -6.40 15.73
N ASN A 262 10.61 -6.60 15.55
CA ASN A 262 11.58 -5.50 15.47
C ASN A 262 11.35 -4.47 16.57
N GLY A 263 11.12 -4.95 17.79
CA GLY A 263 11.01 -4.09 18.95
C GLY A 263 9.66 -3.46 19.20
N ARG A 264 8.59 -3.90 18.53
CA ARG A 264 7.27 -3.35 18.82
C ARG A 264 6.20 -4.43 18.73
N SER A 265 5.06 -4.16 19.38
CA SER A 265 3.96 -5.10 19.40
C SER A 265 3.41 -5.26 17.97
N TYR A 266 3.20 -6.51 17.56
CA TYR A 266 2.80 -6.82 16.19
C TYR A 266 1.85 -8.01 16.22
N PRO A 267 0.60 -7.79 16.64
CA PRO A 267 -0.33 -8.90 16.84
C PRO A 267 -0.58 -9.65 15.53
N LEU A 268 -0.39 -10.96 15.57
CA LEU A 268 -0.56 -11.82 14.40
C LEU A 268 -2.03 -12.23 14.30
N ARG A 269 -2.69 -11.74 13.26
CA ARG A 269 -4.13 -11.92 13.07
C ARG A 269 -4.34 -12.24 11.60
N GLY A 270 -4.74 -13.47 11.30
CA GLY A 270 -4.76 -13.89 9.91
C GLY A 270 -5.50 -15.17 9.63
N VAL A 271 -4.99 -15.98 8.71
CA VAL A 271 -5.74 -17.06 8.10
C VAL A 271 -4.84 -18.26 7.86
N SER A 272 -5.46 -19.37 7.45
CA SER A 272 -4.80 -20.56 6.93
C SER A 272 -5.09 -20.69 5.44
N ARG A 273 -4.35 -21.57 4.77
CA ARG A 273 -4.52 -21.75 3.33
C ARG A 273 -4.01 -23.13 2.95
N HIS A 274 -4.84 -23.90 2.24
CA HIS A 274 -4.44 -25.15 1.63
C HIS A 274 -3.97 -24.91 0.20
N GLN A 275 -3.11 -25.80 -0.29
CA GLN A 275 -2.47 -25.56 -1.58
C GLN A 275 -3.25 -26.16 -2.74
N ASP A 276 -4.58 -26.05 -2.74
CA ASP A 276 -5.38 -26.59 -3.83
C ASP A 276 -6.36 -25.53 -4.30
N ARG A 277 -7.12 -25.90 -5.33
CA ARG A 277 -8.06 -25.02 -5.99
C ARG A 277 -8.97 -25.88 -6.85
N ALA A 278 -10.18 -25.36 -7.11
CA ALA A 278 -11.16 -26.07 -7.92
C ALA A 278 -10.59 -26.37 -9.30
N GLY A 279 -10.80 -27.61 -9.75
CA GLY A 279 -10.36 -27.99 -11.09
C GLY A 279 -8.90 -28.34 -11.23
N ALA A 280 -8.02 -27.53 -10.65
CA ALA A 280 -6.60 -27.82 -10.75
C ALA A 280 -6.16 -28.86 -9.74
N GLY A 281 -6.91 -29.05 -8.65
CA GLY A 281 -6.41 -29.90 -7.59
C GLY A 281 -5.29 -29.16 -6.87
N ASN A 282 -4.23 -29.88 -6.53
CA ASN A 282 -3.05 -29.23 -5.97
C ASN A 282 -2.00 -28.95 -7.02
N ALA A 283 -2.33 -29.12 -8.30
CA ALA A 283 -1.39 -28.85 -9.39
C ALA A 283 -1.49 -27.38 -9.76
N LEU A 284 -0.89 -26.54 -8.91
CA LEU A 284 -1.06 -25.11 -9.07
C LEU A 284 0.02 -24.53 -9.96
N THR A 285 -0.35 -23.49 -10.70
CA THR A 285 0.59 -22.67 -11.45
C THR A 285 1.08 -21.54 -10.56
N TYR A 286 2.14 -20.87 -11.04
CA TYR A 286 2.62 -19.69 -10.34
C TYR A 286 1.53 -18.64 -10.20
N GLU A 287 0.73 -18.43 -11.25
CA GLU A 287 -0.32 -17.40 -11.20
C GLU A 287 -1.36 -17.72 -10.14
N MET A 288 -1.63 -19.00 -9.89
CA MET A 288 -2.58 -19.35 -8.84
C MET A 288 -2.02 -19.00 -7.47
N HIS A 289 -0.73 -19.25 -7.26
CA HIS A 289 -0.08 -18.79 -6.03
C HIS A 289 -0.20 -17.28 -5.89
N ARG A 290 0.08 -16.54 -6.97
CA ARG A 290 0.04 -15.08 -6.89
C ARG A 290 -1.36 -14.57 -6.57
N GLU A 291 -2.38 -15.15 -7.21
CA GLU A 291 -3.76 -14.72 -6.94
C GLU A 291 -4.17 -15.02 -5.49
N ASP A 292 -3.75 -16.17 -4.96
CA ASP A 292 -4.03 -16.46 -3.56
C ASP A 292 -3.44 -15.38 -2.66
N MET A 293 -2.20 -14.96 -2.93
CA MET A 293 -1.57 -13.93 -2.12
C MET A 293 -2.23 -12.58 -2.34
N ALA A 294 -2.65 -12.29 -3.58
CA ALA A 294 -3.36 -11.03 -3.82
C ALA A 294 -4.61 -10.96 -2.96
N ILE A 295 -5.27 -12.10 -2.74
CA ILE A 295 -6.46 -12.13 -1.89
C ILE A 295 -6.07 -11.97 -0.44
N VAL A 296 -4.96 -12.59 -0.02
CA VAL A 296 -4.44 -12.33 1.34
C VAL A 296 -4.24 -10.83 1.54
N ARG A 297 -3.67 -10.14 0.55
CA ARG A 297 -3.33 -8.73 0.69
C ARG A 297 -4.57 -7.86 0.79
N GLU A 298 -5.57 -8.11 -0.07
CA GLU A 298 -6.80 -7.35 0.04
C GLU A 298 -7.43 -7.54 1.42
N LEU A 299 -7.43 -8.77 1.92
CA LEU A 299 -8.01 -9.07 3.22
C LEU A 299 -7.31 -8.28 4.34
N GLY A 300 -6.00 -8.06 4.21
CA GLY A 300 -5.25 -7.44 5.28
C GLY A 300 -4.72 -8.39 6.34
N ALA A 301 -4.85 -9.70 6.14
CA ALA A 301 -4.26 -10.64 7.08
C ALA A 301 -2.74 -10.48 7.09
N ASN A 302 -2.13 -10.47 8.28
CA ASN A 302 -0.68 -10.33 8.35
C ASN A 302 0.03 -11.61 8.71
N THR A 303 -0.69 -12.72 8.82
CA THR A 303 -0.12 -14.04 9.07
C THR A 303 -0.93 -15.10 8.34
N ILE A 304 -0.22 -16.12 7.86
CA ILE A 304 -0.83 -17.28 7.22
C ILE A 304 -0.27 -18.53 7.87
N ARG A 305 -1.15 -19.37 8.38
CA ARG A 305 -0.77 -20.71 8.80
C ARG A 305 -0.85 -21.61 7.57
N LEU A 306 0.29 -22.03 7.08
CA LEU A 306 0.34 -22.89 5.90
C LEU A 306 0.21 -24.35 6.33
N ALA A 307 -1.02 -24.73 6.71
CA ALA A 307 -1.30 -26.12 7.02
C ALA A 307 -1.41 -26.95 5.74
N HIS A 308 -1.25 -28.27 5.84
CA HIS A 308 -0.73 -29.01 7.00
C HIS A 308 0.56 -29.72 6.58
N TYR A 309 1.46 -29.01 5.91
CA TYR A 309 2.54 -29.67 5.20
C TYR A 309 3.43 -28.57 4.62
N GLN A 310 4.58 -28.98 4.09
CA GLN A 310 5.44 -28.03 3.38
C GLN A 310 4.75 -27.58 2.09
N HIS A 311 4.64 -26.26 1.92
CA HIS A 311 4.05 -25.64 0.73
C HIS A 311 5.13 -25.35 -0.31
N ALA A 312 4.70 -24.78 -1.44
CA ALA A 312 5.62 -24.49 -2.52
C ALA A 312 6.61 -23.38 -2.14
N GLN A 313 7.87 -23.54 -2.58
CA GLN A 313 8.84 -22.45 -2.47
C GLN A 313 8.28 -21.13 -3.01
N GLU A 314 7.56 -21.17 -4.14
CA GLU A 314 6.99 -19.94 -4.70
C GLU A 314 6.06 -19.26 -3.70
N PHE A 315 5.31 -20.03 -2.92
CA PHE A 315 4.37 -19.39 -2.02
C PHE A 315 5.08 -18.82 -0.79
N TYR A 316 6.05 -19.56 -0.24
CA TYR A 316 6.89 -18.99 0.81
C TYR A 316 7.56 -17.71 0.33
N ASP A 317 8.06 -17.72 -0.92
CA ASP A 317 8.67 -16.51 -1.48
C ASP A 317 7.67 -15.36 -1.48
N LEU A 318 6.42 -15.64 -1.91
CA LEU A 318 5.41 -14.59 -1.93
C LEU A 318 5.20 -14.01 -0.53
N CYS A 319 5.22 -14.86 0.49
CA CYS A 319 5.12 -14.37 1.87
C CYS A 319 6.30 -13.48 2.23
N ASP A 320 7.52 -13.92 1.93
CA ASP A 320 8.70 -13.07 2.11
C ASP A 320 8.52 -11.72 1.42
N GLU A 321 8.04 -11.73 0.18
CA GLU A 321 8.01 -10.51 -0.62
C GLU A 321 6.88 -9.59 -0.17
N ASN A 322 5.88 -10.12 0.52
CA ASN A 322 4.72 -9.35 0.96
C ASN A 322 4.70 -9.08 2.46
N GLY A 323 5.73 -9.49 3.20
CA GLY A 323 5.74 -9.20 4.62
C GLY A 323 4.78 -10.03 5.46
N ILE A 324 4.34 -11.17 4.95
CA ILE A 324 3.40 -12.04 5.64
C ILE A 324 4.17 -12.98 6.55
N ILE A 325 3.80 -13.04 7.82
CA ILE A 325 4.44 -13.93 8.80
C ILE A 325 3.77 -15.30 8.78
N VAL A 326 4.59 -16.36 8.80
CA VAL A 326 4.14 -17.69 8.41
C VAL A 326 4.36 -18.70 9.53
N TRP A 327 3.41 -19.62 9.68
CA TRP A 327 3.52 -20.83 10.49
C TRP A 327 3.66 -21.98 9.51
N ALA A 328 4.78 -22.71 9.60
CA ALA A 328 5.08 -23.84 8.74
C ALA A 328 5.07 -25.12 9.58
N GLU A 329 4.66 -26.24 8.98
CA GLU A 329 4.52 -27.49 9.73
C GLU A 329 4.61 -28.69 8.79
N ILE A 330 4.66 -29.87 9.39
CA ILE A 330 4.67 -31.15 8.67
C ILE A 330 3.33 -31.86 8.87
N PRO A 331 2.98 -32.82 8.00
CA PRO A 331 1.67 -33.49 8.10
C PRO A 331 1.62 -34.62 9.12
N TYR A 332 2.19 -34.39 10.31
CA TYR A 332 2.08 -35.29 11.46
C TYR A 332 0.72 -35.02 12.11
N ILE A 333 -0.32 -35.70 11.65
CA ILE A 333 -1.67 -35.19 11.83
C ILE A 333 -2.63 -36.31 12.26
N THR A 334 -3.48 -35.99 13.25
CA THR A 334 -4.64 -36.78 13.65
C THR A 334 -4.35 -38.09 14.37
N MET A 335 -3.52 -38.96 13.78
CA MET A 335 -3.42 -40.35 14.22
C MET A 335 -1.95 -40.77 14.20
N HIS A 336 -1.37 -40.98 15.38
CA HIS A 336 0.03 -41.38 15.46
C HIS A 336 0.16 -42.82 14.98
N MET A 337 1.22 -43.08 14.21
CA MET A 337 1.54 -44.43 13.77
C MET A 337 3.02 -44.67 14.04
N ALA A 338 3.31 -45.75 14.78
CA ALA A 338 4.69 -46.01 15.21
C ALA A 338 5.63 -46.14 14.02
N ASP A 339 5.17 -46.76 12.92
CA ASP A 339 6.10 -46.93 11.81
C ASP A 339 6.29 -45.67 10.97
N GLY A 340 5.53 -44.60 11.25
CA GLY A 340 5.74 -43.34 10.58
C GLY A 340 6.67 -42.39 11.30
N THR A 341 7.27 -42.83 12.41
CA THR A 341 8.07 -41.94 13.23
C THR A 341 9.26 -41.40 12.46
N GLU A 342 9.97 -42.27 11.73
CA GLU A 342 11.12 -41.80 10.97
C GLU A 342 10.69 -40.85 9.87
N ASN A 343 9.46 -41.03 9.36
CA ASN A 343 8.96 -40.13 8.33
C ASN A 343 8.67 -38.74 8.90
N THR A 344 8.21 -38.64 10.15
CA THR A 344 8.01 -37.31 10.74
C THR A 344 9.33 -36.55 10.82
N LEU A 345 10.41 -37.26 11.16
CA LEU A 345 11.72 -36.62 11.30
C LEU A 345 12.33 -36.31 9.95
N SER A 346 12.06 -37.14 8.95
CA SER A 346 12.56 -36.84 7.63
C SER A 346 11.86 -35.61 7.03
N GLN A 347 10.54 -35.53 7.18
CA GLN A 347 9.85 -34.35 6.62
C GLN A 347 10.24 -33.08 7.37
N MET A 348 10.49 -33.17 8.68
CA MET A 348 10.83 -31.96 9.41
C MET A 348 12.23 -31.49 9.03
N LYS A 349 13.19 -32.40 8.90
CA LYS A 349 14.50 -32.02 8.43
C LYS A 349 14.43 -31.35 7.06
N GLU A 350 13.68 -31.95 6.13
CA GLU A 350 13.55 -31.37 4.80
C GLU A 350 12.86 -30.01 4.88
N LEU A 351 11.84 -29.89 5.73
CA LEU A 351 11.15 -28.61 5.87
C LEU A 351 12.10 -27.52 6.33
N ILE A 352 12.90 -27.82 7.36
CA ILE A 352 13.78 -26.80 7.92
C ILE A 352 14.92 -26.51 6.95
N VAL A 353 15.54 -27.56 6.44
CA VAL A 353 16.65 -27.38 5.52
C VAL A 353 16.21 -26.56 4.31
N GLN A 354 15.01 -26.84 3.80
CA GLN A 354 14.57 -26.17 2.57
C GLN A 354 13.95 -24.81 2.80
N ASN A 355 13.63 -24.43 4.03
CA ASN A 355 12.91 -23.19 4.25
C ASN A 355 13.50 -22.31 5.36
N TYR A 356 14.66 -22.70 5.89
CA TYR A 356 15.32 -21.97 6.96
C TYR A 356 15.54 -20.50 6.62
N HIS A 357 15.72 -20.18 5.33
CA HIS A 357 16.09 -18.83 4.92
C HIS A 357 14.90 -17.88 4.81
N HIS A 358 13.67 -18.39 4.85
CA HIS A 358 12.49 -17.53 4.64
C HIS A 358 12.24 -16.66 5.86
N PRO A 359 12.46 -15.34 5.79
CA PRO A 359 12.18 -14.52 6.98
C PRO A 359 10.70 -14.56 7.37
N SER A 360 9.81 -14.89 6.43
CA SER A 360 8.39 -14.93 6.78
C SER A 360 8.10 -15.98 7.83
N ILE A 361 8.88 -17.06 7.89
CA ILE A 361 8.58 -18.17 8.79
C ILE A 361 9.07 -17.82 10.20
N VAL A 362 8.16 -17.90 11.18
CA VAL A 362 8.53 -17.61 12.56
C VAL A 362 8.30 -18.80 13.51
N CYS A 363 7.72 -19.91 13.04
CA CYS A 363 7.71 -21.06 13.94
C CYS A 363 7.54 -22.34 13.14
N TRP A 364 7.98 -23.47 13.74
CA TRP A 364 7.83 -24.80 13.15
C TRP A 364 6.78 -25.59 13.95
N GLY A 365 5.77 -26.08 13.26
CA GLY A 365 4.72 -26.87 13.90
C GLY A 365 5.03 -28.35 13.81
N LEU A 366 4.97 -29.02 14.98
CA LEU A 366 5.35 -30.43 15.09
C LEU A 366 4.23 -31.36 14.64
N SER A 367 2.99 -31.00 14.93
CA SER A 367 1.88 -31.87 14.61
C SER A 367 0.59 -31.09 14.75
N ASN A 368 -0.49 -31.63 14.18
CA ASN A 368 -1.81 -31.02 14.25
C ASN A 368 -2.82 -32.05 14.76
N GLU A 369 -3.51 -31.72 15.85
CA GLU A 369 -4.58 -32.56 16.40
C GLU A 369 -4.13 -34.01 16.55
N ILE A 370 -2.89 -34.22 16.95
CA ILE A 370 -2.34 -35.58 16.94
C ILE A 370 -3.04 -36.47 17.96
N THR A 371 -3.66 -35.89 19.00
CA THR A 371 -4.40 -36.70 19.97
C THR A 371 -5.87 -36.87 19.61
N ALA A 372 -6.29 -36.42 18.43
CA ALA A 372 -7.67 -36.70 18.00
C ALA A 372 -7.89 -38.20 17.88
N ALA A 373 -6.84 -38.96 17.54
CA ALA A 373 -6.95 -40.41 17.40
C ALA A 373 -5.67 -41.08 17.87
N SER A 374 -5.14 -40.64 19.00
CA SER A 374 -3.94 -41.24 19.57
C SER A 374 -4.06 -41.20 21.08
N ALA A 375 -3.58 -42.24 21.75
CA ALA A 375 -3.45 -42.23 23.20
C ALA A 375 -2.19 -41.46 23.56
N VAL A 376 -2.29 -40.65 24.61
CA VAL A 376 -1.10 -39.95 25.11
C VAL A 376 -0.33 -40.95 25.94
N ASN A 377 0.79 -41.42 25.41
CA ASN A 377 1.64 -42.38 26.12
C ASN A 377 3.09 -42.00 25.88
N GLU A 378 4.00 -42.79 26.46
CA GLU A 378 5.40 -42.43 26.42
C GLU A 378 5.91 -42.39 24.98
N GLU A 379 5.35 -43.26 24.12
CA GLU A 379 5.75 -43.30 22.71
C GLU A 379 5.36 -42.02 21.98
N LEU A 380 4.15 -41.53 22.21
CA LEU A 380 3.72 -40.29 21.57
C LEU A 380 4.55 -39.12 22.05
N LEU A 381 4.78 -39.04 23.37
CA LEU A 381 5.63 -38.01 23.92
C LEU A 381 7.04 -38.06 23.31
N GLU A 382 7.59 -39.25 23.11
CA GLU A 382 8.96 -39.34 22.59
C GLU A 382 9.05 -38.85 21.15
N ASN A 383 8.08 -39.20 20.31
CA ASN A 383 8.07 -38.71 18.93
C ASN A 383 8.08 -37.19 18.91
N HIS A 384 7.30 -36.56 19.79
CA HIS A 384 7.24 -35.10 19.81
C HIS A 384 8.51 -34.49 20.38
N ARG A 385 9.06 -35.09 21.45
CA ARG A 385 10.33 -34.61 21.97
C ARG A 385 11.44 -34.73 20.94
N ARG A 386 11.40 -35.77 20.10
CA ARG A 386 12.44 -35.92 19.09
C ARG A 386 12.30 -34.88 17.99
N LEU A 387 11.05 -34.56 17.60
CA LEU A 387 10.82 -33.48 16.65
C LEU A 387 11.22 -32.14 17.24
N ASN A 388 10.79 -31.87 18.48
CA ASN A 388 11.18 -30.66 19.19
C ASN A 388 12.70 -30.51 19.25
N ASP A 389 13.42 -31.59 19.56
CA ASP A 389 14.87 -31.46 19.66
C ASP A 389 15.51 -31.22 18.30
N LEU A 390 14.95 -31.81 17.24
CA LEU A 390 15.51 -31.60 15.91
C LEU A 390 15.33 -30.15 15.48
N CYS A 391 14.12 -29.60 15.63
CA CYS A 391 13.92 -28.18 15.35
C CYS A 391 14.94 -27.33 16.10
N HIS A 392 15.12 -27.60 17.39
CA HIS A 392 16.03 -26.80 18.19
C HIS A 392 17.48 -27.03 17.80
N GLU A 393 17.80 -28.24 17.37
CA GLU A 393 19.17 -28.53 16.93
C GLU A 393 19.46 -27.84 15.61
N LEU A 394 18.50 -27.87 14.67
CA LEU A 394 18.73 -27.29 13.35
C LEU A 394 18.61 -25.77 13.34
N ASP A 395 17.80 -25.20 14.25
CA ASP A 395 17.39 -23.80 14.11
C ASP A 395 17.27 -23.17 15.48
N LYS A 396 18.25 -22.34 15.86
CA LYS A 396 18.24 -21.64 17.13
C LYS A 396 17.42 -20.34 17.11
N THR A 397 16.78 -20.01 15.97
CA THR A 397 16.19 -18.69 15.77
C THR A 397 14.66 -18.71 15.71
N ARG A 398 14.03 -19.88 15.84
CA ARG A 398 12.59 -19.98 15.74
C ARG A 398 12.05 -20.89 16.84
N PRO A 399 10.92 -20.54 17.42
CA PRO A 399 10.28 -21.44 18.39
C PRO A 399 9.52 -22.57 17.71
N THR A 400 9.28 -23.64 18.48
CA THR A 400 8.36 -24.69 18.06
C THR A 400 6.96 -24.43 18.60
N VAL A 401 5.97 -25.06 17.95
CA VAL A 401 4.58 -24.93 18.34
C VAL A 401 3.86 -26.19 17.88
N MET A 402 2.69 -26.44 18.45
CA MET A 402 1.83 -27.44 17.86
C MET A 402 0.39 -27.01 18.02
N ALA A 403 -0.46 -27.58 17.16
CA ALA A 403 -1.89 -27.28 17.13
C ALA A 403 -2.64 -28.40 17.85
N ASP A 404 -3.34 -28.06 18.91
CA ASP A 404 -3.94 -29.04 19.81
C ASP A 404 -5.43 -29.18 19.55
N VAL A 405 -5.90 -30.42 19.49
CA VAL A 405 -7.34 -30.66 19.35
C VAL A 405 -8.05 -30.24 20.62
N PHE A 406 -9.31 -29.85 20.50
CA PHE A 406 -9.97 -29.24 21.67
C PHE A 406 -10.23 -30.24 22.80
N MET A 407 -10.16 -31.55 22.53
CA MET A 407 -10.37 -32.50 23.61
C MET A 407 -9.14 -32.66 24.50
N LEU A 408 -7.97 -32.23 24.03
CA LEU A 408 -6.75 -32.45 24.79
C LEU A 408 -6.77 -31.62 26.06
N GLU A 409 -6.72 -32.30 27.21
CA GLU A 409 -6.77 -31.60 28.49
C GLU A 409 -5.58 -30.64 28.64
N THR A 410 -5.84 -29.48 29.25
CA THR A 410 -4.84 -28.42 29.27
C THR A 410 -3.72 -28.68 30.26
N ASP A 411 -3.80 -29.74 31.07
CA ASP A 411 -2.70 -30.15 31.93
C ASP A 411 -1.96 -31.37 31.37
N SER A 412 -2.15 -31.68 30.09
CA SER A 412 -1.56 -32.89 29.55
C SER A 412 -0.05 -32.69 29.42
N PRO A 413 0.75 -33.74 29.67
CA PRO A 413 2.19 -33.63 29.40
C PRO A 413 2.51 -33.26 27.95
N MET A 414 1.60 -33.48 27.01
CA MET A 414 1.88 -33.06 25.64
C MET A 414 2.19 -31.56 25.58
N LEU A 415 1.44 -30.76 26.32
CA LEU A 415 1.57 -29.31 26.20
C LEU A 415 2.93 -28.80 26.69
N GLU A 416 3.64 -29.57 27.51
CA GLU A 416 4.92 -29.10 28.01
C GLU A 416 6.05 -29.20 27.00
N ILE A 417 5.84 -29.84 25.85
CA ILE A 417 6.93 -30.15 24.93
C ILE A 417 7.26 -28.98 24.01
N PRO A 418 6.35 -28.49 23.18
CA PRO A 418 6.69 -27.39 22.27
C PRO A 418 6.99 -26.11 23.05
N ASP A 419 7.60 -25.14 22.36
CA ASP A 419 7.80 -23.81 22.95
C ASP A 419 6.48 -23.06 23.11
N MET A 420 5.53 -23.26 22.21
CA MET A 420 4.25 -22.58 22.28
C MET A 420 3.15 -23.57 21.89
N ASN A 421 1.90 -23.21 22.25
CA ASN A 421 0.74 -23.99 21.87
C ASN A 421 -0.32 -23.08 21.26
N SER A 422 -1.12 -23.69 20.39
CA SER A 422 -2.33 -23.09 19.88
C SER A 422 -3.38 -24.19 19.81
N TYR A 423 -4.63 -23.81 20.08
CA TYR A 423 -5.73 -24.76 20.05
C TYR A 423 -6.56 -24.57 18.80
N ASN A 424 -7.07 -25.69 18.28
CA ASN A 424 -8.10 -25.68 17.24
C ASN A 424 -9.45 -25.73 17.94
N LEU A 425 -10.17 -24.61 17.96
CA LEU A 425 -11.44 -24.46 18.66
C LEU A 425 -12.55 -24.22 17.65
N TYR A 426 -13.65 -24.93 17.81
CA TYR A 426 -14.86 -24.75 17.03
C TYR A 426 -16.07 -24.62 17.93
N PHE A 427 -15.90 -23.99 19.10
CA PHE A 427 -17.04 -23.71 19.94
C PHE A 427 -17.97 -22.74 19.22
N GLY A 428 -19.27 -23.03 19.23
CA GLY A 428 -20.23 -22.28 18.48
C GLY A 428 -20.45 -22.76 17.06
N TRP A 429 -19.76 -23.83 16.65
CA TRP A 429 -20.06 -24.43 15.37
C TRP A 429 -20.21 -25.94 15.55
N TYR A 430 -19.10 -26.59 15.89
CA TYR A 430 -19.07 -28.04 16.06
C TYR A 430 -19.74 -28.46 17.36
N ILE A 431 -19.53 -27.71 18.44
CA ILE A 431 -20.09 -28.04 19.75
C ILE A 431 -20.26 -26.74 20.53
N GLY A 432 -21.16 -26.79 21.53
CA GLY A 432 -21.18 -25.74 22.53
C GLY A 432 -21.56 -24.38 21.96
N GLU A 433 -21.28 -23.35 22.75
CA GLU A 433 -21.69 -22.00 22.46
C GLU A 433 -20.48 -21.12 22.16
N LEU A 434 -20.74 -20.00 21.48
CA LEU A 434 -19.69 -19.05 21.15
C LEU A 434 -18.89 -18.66 22.39
N ASP A 435 -19.57 -18.34 23.49
CA ASP A 435 -18.95 -17.95 24.74
C ASP A 435 -17.88 -18.92 25.23
N GLN A 436 -17.91 -20.16 24.80
CA GLN A 436 -16.93 -21.09 25.36
C GLN A 436 -15.55 -20.86 24.80
N ASN A 437 -15.46 -20.23 23.61
CA ASN A 437 -14.14 -19.77 23.15
C ASN A 437 -13.54 -18.80 24.16
N ASP A 438 -14.27 -17.74 24.49
CA ASP A 438 -13.80 -16.73 25.44
C ASP A 438 -13.30 -17.36 26.73
N SER A 439 -14.12 -18.24 27.33
CA SER A 439 -13.78 -18.78 28.65
C SER A 439 -12.70 -19.85 28.58
N PHE A 440 -12.62 -20.64 27.51
CA PHE A 440 -11.50 -21.56 27.35
C PHE A 440 -10.17 -20.82 27.45
N PHE A 441 -10.04 -19.70 26.73
CA PHE A 441 -8.78 -18.97 26.76
C PHE A 441 -8.61 -18.22 28.08
N ASP A 442 -9.68 -17.62 28.62
CA ASP A 442 -9.57 -17.00 29.94
C ASP A 442 -9.03 -17.99 30.96
N GLU A 443 -9.61 -19.19 30.99
CA GLU A 443 -9.22 -20.16 32.01
C GLU A 443 -7.81 -20.69 31.77
N TYR A 444 -7.44 -20.93 30.51
CA TYR A 444 -6.08 -21.33 30.22
C TYR A 444 -5.08 -20.26 30.64
N HIS A 445 -5.32 -19.02 30.22
CA HIS A 445 -4.36 -17.96 30.51
C HIS A 445 -4.29 -17.62 32.00
N SER A 446 -5.42 -17.72 32.70
CA SER A 446 -5.38 -17.52 34.15
C SER A 446 -4.61 -18.64 34.84
N THR A 447 -4.76 -19.88 34.38
CA THR A 447 -4.09 -21.00 35.01
C THR A 447 -2.61 -21.06 34.65
N TYR A 448 -2.26 -20.77 33.38
CA TYR A 448 -0.87 -20.78 32.91
C TYR A 448 -0.49 -19.42 32.33
N PRO A 449 -0.39 -18.39 33.17
CA PRO A 449 -0.08 -17.05 32.64
C PRO A 449 1.27 -16.97 31.96
N ASP A 450 2.18 -17.88 32.25
CA ASP A 450 3.51 -17.82 31.66
C ASP A 450 3.63 -18.64 30.39
N ARG A 451 2.56 -19.29 29.93
CA ARG A 451 2.57 -20.07 28.71
C ARG A 451 2.07 -19.25 27.52
N VAL A 452 2.67 -19.48 26.36
CA VAL A 452 2.17 -18.87 25.14
C VAL A 452 1.03 -19.71 24.58
N ILE A 453 -0.13 -19.09 24.42
CA ILE A 453 -1.31 -19.74 23.87
C ILE A 453 -1.82 -18.90 22.69
N GLY A 454 -2.37 -19.60 21.69
CA GLY A 454 -2.91 -18.97 20.50
C GLY A 454 -4.07 -19.78 19.99
N LEU A 455 -4.63 -19.34 18.85
CA LEU A 455 -5.80 -19.96 18.23
C LEU A 455 -5.40 -20.35 16.81
N SER A 456 -5.13 -21.63 16.59
CA SER A 456 -4.57 -22.07 15.32
C SER A 456 -5.63 -22.48 14.30
N GLU A 457 -6.88 -22.71 14.72
CA GLU A 457 -8.01 -22.91 13.83
C GLU A 457 -9.28 -22.43 14.52
N TYR A 458 -10.17 -21.86 13.72
CA TYR A 458 -11.54 -21.56 14.14
C TYR A 458 -12.30 -21.16 12.89
N GLY A 459 -13.60 -21.48 12.87
CA GLY A 459 -14.40 -21.16 11.71
C GLY A 459 -15.72 -21.89 11.70
N ALA A 460 -16.54 -21.52 10.72
CA ALA A 460 -17.85 -22.09 10.51
C ALA A 460 -18.09 -22.24 9.00
N ASP A 461 -18.83 -23.29 8.64
CA ASP A 461 -19.16 -23.54 7.24
C ASP A 461 -20.17 -22.53 6.73
N ALA A 462 -20.04 -22.19 5.45
CA ALA A 462 -21.03 -21.31 4.83
C ALA A 462 -21.14 -21.62 3.34
N ASN A 463 -22.35 -21.98 2.93
CA ASN A 463 -22.67 -22.16 1.51
C ASN A 463 -23.25 -20.86 0.98
N PRO A 464 -22.60 -20.19 0.02
CA PRO A 464 -23.15 -18.92 -0.49
C PRO A 464 -24.56 -19.02 -1.07
N ALA A 465 -25.06 -20.22 -1.32
CA ALA A 465 -26.42 -20.34 -1.83
C ALA A 465 -27.48 -20.26 -0.73
N TYR A 466 -27.09 -20.33 0.54
CA TYR A 466 -28.02 -20.45 1.65
C TYR A 466 -28.05 -19.16 2.44
N HIS A 467 -29.25 -18.77 2.88
CA HIS A 467 -29.42 -17.47 3.52
C HIS A 467 -30.63 -17.51 4.44
N SER A 468 -30.57 -16.74 5.52
CA SER A 468 -31.69 -16.69 6.45
C SER A 468 -31.67 -15.37 7.21
N ALA A 469 -32.85 -14.81 7.44
CA ALA A 469 -33.01 -13.65 8.29
C ALA A 469 -32.84 -13.96 9.78
N ASN A 470 -32.83 -15.25 10.14
CA ASN A 470 -32.63 -15.67 11.54
C ASN A 470 -31.65 -16.83 11.55
N PRO A 471 -30.37 -16.55 11.33
CA PRO A 471 -29.40 -17.63 11.15
C PRO A 471 -29.18 -18.40 12.43
N GLU A 472 -28.94 -19.69 12.29
CA GLU A 472 -28.67 -20.58 13.41
C GLU A 472 -27.47 -21.45 13.08
N ARG A 473 -26.64 -21.70 14.09
CA ARG A 473 -25.62 -22.73 13.97
C ARG A 473 -26.20 -23.95 13.29
N GLY A 474 -25.67 -24.29 12.11
CA GLY A 474 -26.07 -25.50 11.43
C GLY A 474 -26.89 -25.29 10.17
N ASP A 475 -27.42 -24.10 9.91
CA ASP A 475 -28.12 -23.89 8.65
C ASP A 475 -27.16 -23.65 7.48
N TYR A 476 -25.86 -23.51 7.73
CA TYR A 476 -24.87 -23.35 6.67
C TYR A 476 -25.08 -22.06 5.87
N THR A 477 -25.68 -21.03 6.48
CA THR A 477 -25.95 -19.82 5.75
C THR A 477 -24.70 -18.94 5.70
N GLU A 478 -24.61 -18.16 4.64
CA GLU A 478 -23.61 -17.10 4.60
C GLU A 478 -23.73 -16.20 5.82
N GLU A 479 -24.94 -16.02 6.36
CA GLU A 479 -25.17 -15.08 7.46
C GLU A 479 -24.77 -15.65 8.82
N TYR A 480 -24.88 -16.96 9.02
CA TYR A 480 -24.39 -17.47 10.31
C TYR A 480 -22.87 -17.42 10.38
N GLN A 481 -22.19 -17.62 9.25
CA GLN A 481 -20.74 -17.53 9.28
C GLN A 481 -20.28 -16.13 9.70
N CYS A 482 -21.03 -15.09 9.31
CA CYS A 482 -20.74 -13.74 9.77
C CYS A 482 -21.03 -13.60 11.27
N VAL A 483 -22.14 -14.17 11.75
CA VAL A 483 -22.41 -14.08 13.18
C VAL A 483 -21.27 -14.73 13.97
N TYR A 484 -20.82 -15.90 13.52
CA TYR A 484 -19.70 -16.59 14.15
C TYR A 484 -18.44 -15.73 14.16
N HIS A 485 -18.03 -15.23 12.98
CA HIS A 485 -16.77 -14.49 12.90
C HIS A 485 -16.85 -13.11 13.53
N GLU A 486 -18.04 -12.50 13.60
CA GLU A 486 -18.18 -11.27 14.37
C GLU A 486 -17.85 -11.51 15.84
N HIS A 487 -18.38 -12.61 16.39
CA HIS A 487 -18.07 -12.95 17.78
C HIS A 487 -16.58 -13.23 17.96
N MET A 488 -16.01 -14.06 17.09
CA MET A 488 -14.62 -14.47 17.26
C MET A 488 -13.68 -13.27 17.15
N ALA A 489 -13.96 -12.35 16.23
CA ALA A 489 -13.15 -11.14 16.08
C ALA A 489 -13.13 -10.30 17.36
N LYS A 490 -14.30 -10.10 17.97
CA LYS A 490 -14.36 -9.30 19.18
C LYS A 490 -13.66 -10.01 20.34
N MET A 491 -13.91 -11.32 20.48
CA MET A 491 -13.19 -12.13 21.46
C MET A 491 -11.68 -11.97 21.32
N ILE A 492 -11.18 -12.05 20.08
CA ILE A 492 -9.74 -11.98 19.83
C ILE A 492 -9.22 -10.60 20.20
N GLU A 493 -9.96 -9.54 19.86
CA GLU A 493 -9.53 -8.17 20.14
C GLU A 493 -9.41 -7.93 21.64
N GLU A 494 -10.19 -8.62 22.46
CA GLU A 494 -10.14 -8.48 23.91
C GLU A 494 -8.95 -9.20 24.55
N ARG A 495 -8.19 -10.02 23.81
CA ARG A 495 -7.22 -10.93 24.40
C ARG A 495 -5.89 -10.77 23.68
N PRO A 496 -5.14 -9.71 24.00
CA PRO A 496 -3.83 -9.48 23.36
C PRO A 496 -2.82 -10.58 23.65
N TYR A 497 -3.05 -11.41 24.66
CA TYR A 497 -2.12 -12.50 24.92
C TYR A 497 -2.22 -13.64 23.92
N LEU A 498 -3.23 -13.66 23.05
CA LEU A 498 -3.29 -14.65 21.98
C LEU A 498 -2.15 -14.35 21.01
N TRP A 499 -1.15 -15.23 20.96
CA TRP A 499 0.06 -14.90 20.22
C TRP A 499 -0.21 -14.81 18.72
N ALA A 500 -1.06 -15.69 18.19
CA ALA A 500 -1.47 -15.64 16.78
C ALA A 500 -2.85 -16.27 16.66
N THR A 501 -3.66 -15.74 15.75
CA THR A 501 -4.94 -16.36 15.44
C THR A 501 -5.06 -16.55 13.93
N HIS A 502 -5.66 -17.66 13.53
CA HIS A 502 -5.69 -18.08 12.14
C HIS A 502 -7.06 -18.61 11.80
N VAL A 503 -7.83 -17.84 11.03
CA VAL A 503 -9.11 -18.31 10.52
C VAL A 503 -8.91 -19.58 9.72
N TRP A 504 -9.68 -20.60 10.06
CA TRP A 504 -9.85 -21.77 9.20
C TRP A 504 -11.16 -21.54 8.43
N ASN A 505 -11.06 -21.22 7.14
CA ASN A 505 -9.81 -21.23 6.36
C ASN A 505 -9.97 -20.11 5.33
N LEU A 506 -8.89 -19.59 4.74
CA LEU A 506 -9.07 -18.57 3.71
C LEU A 506 -9.94 -19.07 2.56
N PHE A 507 -9.71 -20.30 2.10
CA PHE A 507 -10.45 -20.84 0.96
C PHE A 507 -11.10 -22.18 1.32
N ASP A 508 -12.34 -22.36 0.83
CA ASP A 508 -12.87 -23.71 0.68
C ASP A 508 -11.79 -24.62 0.07
N PHE A 509 -11.83 -25.91 0.39
CA PHE A 509 -10.79 -26.82 -0.07
C PHE A 509 -11.36 -28.23 -0.16
N ALA A 510 -10.69 -29.05 -0.97
CA ALA A 510 -11.19 -30.38 -1.28
C ALA A 510 -11.00 -31.33 -0.11
N ALA A 511 -12.08 -31.98 0.30
CA ALA A 511 -12.05 -33.07 1.27
C ALA A 511 -13.03 -34.11 0.73
N ASP A 512 -12.51 -35.10 0.01
CA ASP A 512 -13.37 -35.98 -0.78
C ASP A 512 -14.33 -36.81 0.07
N GLY A 513 -14.05 -36.97 1.37
CA GLY A 513 -14.96 -37.67 2.26
C GLY A 513 -16.11 -36.84 2.78
N ARG A 514 -16.06 -35.52 2.63
CA ARG A 514 -17.11 -34.65 3.14
C ARG A 514 -18.28 -34.63 2.16
N ASP A 515 -19.49 -34.77 2.69
CA ASP A 515 -20.71 -34.59 1.92
C ASP A 515 -21.67 -33.72 2.75
N GLU A 516 -21.27 -32.46 2.97
CA GLU A 516 -21.92 -31.58 3.91
C GLU A 516 -22.37 -30.27 3.23
N GLY A 517 -23.30 -29.60 3.88
CA GLY A 517 -23.75 -28.26 3.48
C GLY A 517 -24.16 -28.08 2.03
N GLY A 518 -24.67 -29.14 1.39
CA GLY A 518 -25.08 -29.05 0.01
C GLY A 518 -23.97 -29.03 -1.02
N ARG A 519 -22.71 -29.22 -0.61
CA ARG A 519 -21.62 -29.36 -1.56
C ARG A 519 -20.81 -30.60 -1.20
N HIS A 520 -20.78 -31.56 -2.12
CA HIS A 520 -20.05 -32.81 -1.88
C HIS A 520 -18.58 -32.62 -2.21
N GLY A 521 -17.71 -33.02 -1.27
CA GLY A 521 -16.29 -33.07 -1.51
C GLY A 521 -15.51 -31.86 -1.07
N GLU A 522 -16.15 -30.88 -0.43
CA GLU A 522 -15.49 -29.63 -0.08
C GLU A 522 -15.73 -29.29 1.38
N ASN A 523 -14.70 -28.77 2.02
CA ASN A 523 -14.88 -28.11 3.30
C ASN A 523 -15.24 -26.66 3.03
N GLN A 524 -16.35 -26.20 3.60
CA GLN A 524 -16.89 -24.89 3.24
C GLN A 524 -16.59 -23.83 4.27
N LYS A 525 -15.60 -24.04 5.13
CA LYS A 525 -15.26 -23.03 6.11
C LYS A 525 -14.45 -21.88 5.49
N GLY A 526 -14.25 -21.89 4.18
CA GLY A 526 -13.51 -20.83 3.55
C GLY A 526 -14.19 -19.49 3.73
N LEU A 527 -13.40 -18.43 3.69
CA LEU A 527 -13.95 -17.10 3.55
C LEU A 527 -14.18 -16.76 2.09
N VAL A 528 -13.63 -17.59 1.20
CA VAL A 528 -13.68 -17.44 -0.25
C VAL A 528 -13.94 -18.84 -0.81
N THR A 529 -14.73 -18.93 -1.87
CA THR A 529 -15.01 -20.23 -2.46
C THR A 529 -13.75 -20.86 -3.05
N MET A 530 -13.84 -22.14 -3.36
CA MET A 530 -12.68 -22.91 -3.75
C MET A 530 -12.15 -22.51 -5.13
N ASP A 531 -12.99 -21.97 -6.00
CA ASP A 531 -12.53 -21.46 -7.30
C ASP A 531 -12.06 -20.01 -7.22
N ARG A 532 -11.95 -19.44 -6.02
CA ARG A 532 -11.46 -18.08 -5.79
C ARG A 532 -12.37 -17.00 -6.39
N ARG A 533 -13.60 -17.33 -6.75
CA ARG A 533 -14.47 -16.39 -7.44
C ARG A 533 -15.39 -15.61 -6.51
N ILE A 534 -15.84 -16.18 -5.40
CA ILE A 534 -16.79 -15.52 -4.51
C ILE A 534 -16.15 -15.34 -3.15
N LYS A 535 -16.02 -14.10 -2.72
CA LYS A 535 -15.64 -13.80 -1.34
C LYS A 535 -16.92 -13.73 -0.53
N LYS A 536 -17.08 -14.68 0.39
CA LYS A 536 -18.28 -14.68 1.19
C LYS A 536 -18.32 -13.42 2.06
N ASP A 537 -19.49 -13.16 2.66
CA ASP A 537 -19.66 -11.93 3.42
C ASP A 537 -18.73 -11.88 4.63
N ALA A 538 -18.40 -13.03 5.24
CA ALA A 538 -17.55 -12.99 6.43
C ALA A 538 -16.12 -12.57 6.07
N PHE A 539 -15.70 -12.77 4.83
CA PHE A 539 -14.47 -12.16 4.35
C PHE A 539 -14.41 -10.68 4.71
N TYR A 540 -15.52 -9.97 4.53
CA TYR A 540 -15.46 -8.52 4.70
C TYR A 540 -15.56 -8.09 6.15
N VAL A 541 -16.01 -8.96 7.06
CA VAL A 541 -15.86 -8.59 8.47
C VAL A 541 -14.38 -8.45 8.82
N TYR A 542 -13.55 -9.41 8.36
CA TYR A 542 -12.11 -9.33 8.63
C TYR A 542 -11.48 -8.17 7.87
N LYS A 543 -11.87 -7.96 6.61
CA LYS A 543 -11.30 -6.83 5.87
C LYS A 543 -11.59 -5.51 6.56
N ALA A 544 -12.75 -5.39 7.22
CA ALA A 544 -13.05 -4.17 7.97
C ALA A 544 -12.16 -4.06 9.21
N TYR A 545 -11.76 -5.19 9.78
CA TYR A 545 -10.83 -5.14 10.91
C TYR A 545 -9.39 -4.85 10.49
N TRP A 546 -8.97 -5.31 9.30
CA TRP A 546 -7.56 -5.42 8.97
C TRP A 546 -7.08 -4.48 7.88
N SER A 547 -7.86 -4.30 6.82
CA SER A 547 -7.44 -3.51 5.67
C SER A 547 -7.40 -2.02 6.00
N LYS A 548 -6.45 -1.31 5.40
CA LYS A 548 -6.45 0.14 5.45
C LYS A 548 -6.95 0.76 4.16
N ALA A 549 -7.09 -0.02 3.09
CA ALA A 549 -7.68 0.47 1.85
C ALA A 549 -9.16 0.75 2.06
N PRO A 550 -9.64 1.97 1.86
CA PRO A 550 -11.04 2.26 2.17
C PRO A 550 -11.97 1.42 1.30
N PHE A 551 -13.08 0.99 1.91
CA PHE A 551 -14.05 0.17 1.19
C PHE A 551 -15.36 0.20 1.96
N VAL A 552 -16.40 -0.18 1.25
CA VAL A 552 -17.72 -0.34 1.82
C VAL A 552 -18.30 -1.59 1.20
N HIS A 553 -18.81 -2.51 2.03
CA HIS A 553 -19.32 -3.78 1.54
C HIS A 553 -20.71 -4.03 2.08
N LEU A 554 -21.66 -4.25 1.17
CA LEU A 554 -23.02 -4.65 1.52
C LEU A 554 -23.07 -6.18 1.58
N CYS A 555 -23.48 -6.73 2.73
CA CYS A 555 -23.83 -8.14 2.78
C CYS A 555 -25.18 -8.38 2.11
N GLY A 556 -25.46 -9.65 1.86
CA GLY A 556 -26.75 -10.02 1.31
C GLY A 556 -26.88 -9.85 -0.18
N SER A 557 -25.77 -9.74 -0.91
CA SER A 557 -25.86 -9.64 -2.36
C SER A 557 -26.35 -10.93 -2.98
N ARG A 558 -26.27 -12.04 -2.27
CA ARG A 558 -26.90 -13.29 -2.70
C ARG A 558 -28.19 -13.59 -1.94
N TYR A 559 -28.52 -12.79 -0.92
CA TYR A 559 -29.80 -12.89 -0.21
C TYR A 559 -30.75 -11.85 -0.81
N THR A 560 -31.31 -12.18 -1.98
CA THR A 560 -32.04 -11.18 -2.75
C THR A 560 -33.54 -11.18 -2.47
N ASP A 561 -34.20 -12.34 -2.60
CA ASP A 561 -35.61 -12.46 -2.26
C ASP A 561 -35.76 -12.57 -0.75
N ARG A 562 -36.50 -11.65 -0.15
CA ARG A 562 -36.73 -11.62 1.28
C ARG A 562 -38.22 -11.49 1.57
N ALA A 563 -38.73 -12.31 2.48
CA ALA A 563 -40.16 -12.28 2.79
C ALA A 563 -40.53 -11.24 3.82
N GLU A 564 -39.61 -10.83 4.68
CA GLU A 564 -39.91 -9.88 5.74
C GLU A 564 -40.33 -8.53 5.16
N ASP A 565 -41.14 -7.79 5.92
CA ASP A 565 -41.59 -6.46 5.50
C ASP A 565 -40.54 -5.40 5.76
N VAL A 566 -39.79 -5.54 6.84
CA VAL A 566 -38.63 -4.71 7.13
C VAL A 566 -37.43 -5.64 7.26
N THR A 567 -36.49 -5.52 6.34
CA THR A 567 -35.31 -6.37 6.32
C THR A 567 -34.13 -5.61 6.89
N GLU A 568 -33.15 -6.37 7.38
CA GLU A 568 -31.91 -5.81 7.88
C GLU A 568 -30.89 -5.72 6.76
N ILE A 569 -30.26 -4.55 6.63
CA ILE A 569 -29.18 -4.32 5.68
C ILE A 569 -27.90 -4.11 6.48
N LYS A 570 -26.92 -5.00 6.28
CA LYS A 570 -25.65 -4.93 7.00
C LYS A 570 -24.53 -4.53 6.05
N VAL A 571 -23.78 -3.50 6.42
CA VAL A 571 -22.62 -3.04 5.67
C VAL A 571 -21.38 -3.29 6.53
N TYR A 572 -20.34 -3.87 5.92
CA TYR A 572 -19.01 -3.91 6.51
C TYR A 572 -18.16 -2.80 5.89
N SER A 573 -17.32 -2.16 6.71
CA SER A 573 -16.50 -1.09 6.19
C SER A 573 -15.43 -0.73 7.21
N ASN A 574 -14.28 -0.26 6.72
CA ASN A 574 -13.30 0.32 7.64
C ASN A 574 -13.45 1.83 7.80
N GLN A 575 -14.48 2.44 7.18
CA GLN A 575 -14.72 3.87 7.33
C GLN A 575 -15.50 4.14 8.62
N LYS A 576 -15.75 5.42 8.89
CA LYS A 576 -16.39 5.80 10.13
C LYS A 576 -17.88 6.12 9.96
N LYS A 577 -18.34 6.39 8.74
CA LYS A 577 -19.73 6.71 8.49
C LYS A 577 -20.17 6.02 7.20
N VAL A 578 -21.44 5.61 7.16
CA VAL A 578 -22.00 4.94 5.99
C VAL A 578 -23.40 5.50 5.76
N SER A 579 -23.66 6.03 4.57
CA SER A 579 -24.98 6.47 4.18
C SER A 579 -25.63 5.40 3.30
N LEU A 580 -26.88 5.06 3.61
CA LEU A 580 -27.66 4.12 2.82
C LEU A 580 -28.65 4.88 1.93
N PHE A 581 -28.71 4.49 0.65
CA PHE A 581 -29.67 5.03 -0.29
C PHE A 581 -30.56 3.90 -0.77
N VAL A 582 -31.87 4.14 -0.83
CA VAL A 582 -32.84 3.17 -1.34
C VAL A 582 -33.50 3.77 -2.58
N ASP A 583 -33.38 3.07 -3.71
CA ASP A 583 -33.93 3.50 -4.98
C ASP A 583 -33.50 4.92 -5.33
N GLY A 584 -32.29 5.30 -4.93
CA GLY A 584 -31.76 6.62 -5.18
C GLY A 584 -32.02 7.64 -4.08
N ALA A 585 -32.98 7.39 -3.18
CA ALA A 585 -33.29 8.31 -2.11
C ALA A 585 -32.40 8.03 -0.92
N GLU A 586 -31.66 9.04 -0.47
CA GLU A 586 -30.90 8.90 0.76
C GLU A 586 -31.86 8.62 1.91
N LYS A 587 -31.56 7.61 2.72
CA LYS A 587 -32.49 7.19 3.77
C LYS A 587 -31.91 7.21 5.18
N GLU A 588 -30.58 7.20 5.35
CA GLU A 588 -30.03 7.16 6.70
C GLU A 588 -28.50 7.08 6.72
N THR A 589 -27.87 7.89 7.58
CA THR A 589 -26.44 7.90 7.79
C THR A 589 -26.16 7.45 9.22
N LYS A 590 -25.30 6.45 9.38
CA LYS A 590 -24.91 5.94 10.68
C LYS A 590 -23.41 6.08 10.87
N GLU A 591 -23.03 6.55 12.03
CA GLU A 591 -21.64 6.51 12.46
C GLU A 591 -21.38 5.20 13.20
N GLY A 592 -20.14 4.78 13.19
CA GLY A 592 -19.84 3.52 13.87
C GLY A 592 -18.48 3.00 13.45
N ALA A 593 -18.32 1.69 13.60
CA ALA A 593 -17.01 1.06 13.45
C ALA A 593 -17.22 -0.37 12.94
N ARG A 594 -16.76 -0.62 11.71
CA ARG A 594 -16.69 -1.97 11.16
C ARG A 594 -18.04 -2.46 10.64
N ILE A 595 -19.05 -2.48 11.52
CA ILE A 595 -20.33 -3.13 11.25
C ILE A 595 -21.44 -2.09 11.33
N PHE A 596 -22.14 -1.86 10.23
CA PHE A 596 -23.22 -0.88 10.16
C PHE A 596 -24.52 -1.59 9.80
N ARG A 597 -25.55 -1.40 10.63
CA ARG A 597 -26.81 -2.12 10.50
C ARG A 597 -27.94 -1.13 10.25
N PHE A 598 -28.71 -1.37 9.19
CA PHE A 598 -29.82 -0.52 8.80
C PHE A 598 -31.10 -1.33 8.71
N ARG A 599 -32.23 -0.68 8.95
CA ARG A 599 -33.54 -1.31 8.83
C ARG A 599 -34.29 -0.69 7.66
N VAL A 600 -34.66 -1.50 6.68
CA VAL A 600 -35.23 -0.97 5.46
C VAL A 600 -36.56 -1.63 5.11
N PRO A 601 -37.65 -0.89 5.11
CA PRO A 601 -38.92 -1.47 4.64
C PRO A 601 -38.83 -1.78 3.15
N ILE A 602 -39.36 -2.93 2.77
CA ILE A 602 -39.31 -3.37 1.38
C ILE A 602 -40.71 -3.78 0.95
N THR A 603 -41.10 -3.36 -0.25
CA THR A 603 -42.41 -3.62 -0.81
C THR A 603 -42.35 -4.31 -2.16
N GLY A 604 -41.26 -4.14 -2.89
CA GLY A 604 -41.09 -4.73 -4.20
C GLY A 604 -39.64 -4.97 -4.51
N THR A 605 -39.20 -4.58 -5.71
CA THR A 605 -37.82 -4.68 -6.13
C THR A 605 -37.12 -3.36 -5.86
N HIS A 606 -36.07 -3.39 -5.03
CA HIS A 606 -35.38 -2.18 -4.63
C HIS A 606 -33.89 -2.30 -4.89
N THR A 607 -33.27 -1.15 -5.14
CA THR A 607 -31.83 -1.02 -5.27
C THR A 607 -31.31 -0.35 -3.99
N ILE A 608 -30.38 -1.02 -3.30
CA ILE A 608 -29.80 -0.50 -2.07
C ILE A 608 -28.36 -0.10 -2.36
N ARG A 609 -28.03 1.16 -2.08
CA ARG A 609 -26.70 1.70 -2.32
C ARG A 609 -26.11 2.18 -1.00
N ALA A 610 -24.91 1.69 -0.69
CA ALA A 610 -24.15 2.11 0.49
C ALA A 610 -22.98 2.97 0.05
N VAL A 611 -22.82 4.12 0.71
CA VAL A 611 -21.79 5.08 0.36
C VAL A 611 -21.06 5.51 1.62
N SER A 612 -19.73 5.63 1.52
CA SER A 612 -18.93 6.33 2.51
C SER A 612 -17.74 6.94 1.75
N GLY A 613 -17.70 8.26 1.67
CA GLY A 613 -16.65 8.89 0.88
C GLY A 613 -16.81 8.53 -0.58
N ASP A 614 -15.70 8.12 -1.20
CA ASP A 614 -15.71 7.70 -2.60
C ASP A 614 -16.01 6.21 -2.77
N CYS A 615 -16.34 5.51 -1.69
CA CYS A 615 -16.58 4.07 -1.72
C CYS A 615 -18.06 3.77 -1.88
N THR A 616 -18.39 2.96 -2.88
CA THR A 616 -19.78 2.60 -3.15
C THR A 616 -19.93 1.08 -3.28
N ASP A 617 -21.09 0.61 -2.84
CA ASP A 617 -21.53 -0.74 -3.12
C ASP A 617 -23.03 -0.71 -3.34
N GLU A 618 -23.55 -1.75 -3.98
CA GLU A 618 -24.96 -1.78 -4.36
C GLU A 618 -25.42 -3.22 -4.47
N ILE A 619 -26.61 -3.49 -3.92
CA ILE A 619 -27.27 -4.78 -4.06
C ILE A 619 -28.73 -4.53 -4.45
N THR A 620 -29.40 -5.62 -4.81
CA THR A 620 -30.82 -5.60 -5.14
C THR A 620 -31.56 -6.50 -4.18
N VAL A 621 -32.69 -6.01 -3.65
CA VAL A 621 -33.53 -6.76 -2.74
C VAL A 621 -34.93 -6.81 -3.32
N ARG A 622 -35.55 -7.99 -3.28
CA ARG A 622 -36.90 -8.19 -3.80
C ARG A 622 -37.77 -8.78 -2.72
N LYS A 623 -38.81 -8.04 -2.33
CA LYS A 623 -39.79 -8.55 -1.38
C LYS A 623 -40.59 -9.68 -2.02
N VAL A 624 -40.81 -10.75 -1.26
CA VAL A 624 -41.55 -11.91 -1.74
C VAL A 624 -42.53 -12.33 -0.66
N ASP A 625 -43.53 -13.12 -1.08
CA ASP A 625 -44.56 -13.54 -0.14
C ASP A 625 -44.10 -14.71 0.72
N GLU A 626 -43.39 -15.66 0.12
CA GLU A 626 -42.86 -16.83 0.81
C GLU A 626 -41.35 -16.87 0.68
N PRO A 627 -40.66 -17.38 1.70
CA PRO A 627 -39.20 -17.51 1.60
C PRO A 627 -38.81 -18.31 0.38
N ASN A 628 -37.81 -17.83 -0.33
CA ASN A 628 -37.21 -18.61 -1.43
C ASN A 628 -36.68 -19.92 -0.88
N PRO A 629 -37.17 -21.07 -1.37
CA PRO A 629 -36.70 -22.36 -0.82
C PRO A 629 -35.26 -22.68 -1.20
N ASP A 630 -34.72 -22.05 -2.25
CA ASP A 630 -33.32 -22.28 -2.60
C ASP A 630 -32.37 -21.77 -1.53
N TYR A 631 -32.76 -20.76 -0.76
CA TYR A 631 -31.91 -20.22 0.29
C TYR A 631 -31.87 -21.13 1.52
N ILE A 632 -32.61 -22.23 1.53
CA ILE A 632 -32.78 -23.04 2.74
C ILE A 632 -32.18 -24.40 2.50
N PHE A 633 -31.31 -24.82 3.41
CA PHE A 633 -30.69 -26.15 3.39
C PHE A 633 -31.66 -27.24 3.89
N MET B 1 -30.78 20.39 9.45
CA MET B 1 -31.37 21.71 9.25
C MET B 1 -30.47 22.66 8.42
N ARG B 2 -29.16 22.39 8.38
CA ARG B 2 -28.28 23.09 7.46
C ARG B 2 -28.28 22.35 6.13
N ASN B 3 -28.69 23.02 5.07
CA ASN B 3 -28.83 22.39 3.76
C ASN B 3 -28.02 23.15 2.71
N THR B 4 -27.33 22.39 1.85
CA THR B 4 -26.46 22.92 0.81
C THR B 4 -26.93 22.41 -0.54
N ILE B 5 -27.03 23.30 -1.51
CA ILE B 5 -27.21 22.90 -2.90
C ILE B 5 -26.11 23.54 -3.75
N VAL B 6 -25.64 22.80 -4.75
CA VAL B 6 -24.59 23.25 -5.65
C VAL B 6 -25.24 24.04 -6.79
N LEU B 7 -24.69 25.20 -7.12
CA LEU B 7 -25.22 26.01 -8.22
C LEU B 7 -24.35 25.82 -9.46
N GLU B 8 -24.36 24.58 -9.94
CA GLU B 8 -23.46 24.09 -10.96
C GLU B 8 -23.93 24.38 -12.38
N LYS B 9 -25.23 24.21 -12.66
CA LYS B 9 -25.75 24.27 -14.02
C LYS B 9 -26.36 25.63 -14.32
N ASP B 10 -26.63 25.85 -15.62
CA ASP B 10 -27.52 26.90 -16.09
C ASP B 10 -26.96 28.30 -15.87
N TRP B 11 -25.64 28.45 -16.00
CA TRP B 11 -25.02 29.76 -16.01
C TRP B 11 -24.90 30.26 -17.44
N THR B 12 -24.88 31.58 -17.58
CA THR B 12 -24.54 32.22 -18.85
C THR B 12 -23.33 33.10 -18.62
N PHE B 13 -22.31 32.95 -19.47
CA PHE B 13 -21.05 33.65 -19.30
C PHE B 13 -20.90 34.72 -20.36
N TYR B 14 -20.57 35.95 -19.93
CA TYR B 14 -20.41 37.10 -20.83
C TYR B 14 -18.96 37.56 -20.78
N LYS B 15 -18.18 37.21 -21.80
CA LYS B 15 -16.80 37.70 -21.85
C LYS B 15 -16.77 39.23 -21.86
N ASN B 16 -17.52 39.86 -22.77
CA ASN B 16 -17.83 41.27 -22.65
C ASN B 16 -19.07 41.41 -21.78
N PRO B 17 -18.96 41.94 -20.56
CA PRO B 17 -20.17 42.15 -19.76
C PRO B 17 -21.26 42.94 -20.46
N GLN B 18 -20.92 43.71 -21.50
CA GLN B 18 -21.86 44.61 -22.17
C GLN B 18 -22.53 43.99 -23.39
N SER B 19 -22.23 42.74 -23.73
CA SER B 19 -22.83 42.11 -24.90
C SER B 19 -24.24 41.64 -24.59
N GLU B 20 -25.09 41.62 -25.64
CA GLU B 20 -26.48 41.22 -25.45
C GLU B 20 -26.60 39.71 -25.22
N SER B 21 -25.81 38.91 -25.92
CA SER B 21 -25.87 37.47 -25.79
C SER B 21 -24.57 36.93 -25.19
N GLY B 22 -24.71 35.88 -24.38
CA GLY B 22 -23.58 35.21 -23.77
C GLY B 22 -23.45 33.77 -24.20
N GLU B 23 -22.80 32.94 -23.37
CA GLU B 23 -22.64 31.53 -23.66
C GLU B 23 -23.03 30.70 -22.45
N ALA B 24 -23.77 29.63 -22.69
CA ALA B 24 -24.09 28.70 -21.62
C ALA B 24 -22.81 28.04 -21.11
N VAL B 25 -22.67 27.99 -19.78
CA VAL B 25 -21.52 27.33 -19.16
C VAL B 25 -21.96 26.57 -17.92
N THR B 26 -21.12 25.62 -17.52
CA THR B 26 -21.27 24.83 -16.31
C THR B 26 -20.05 25.08 -15.43
N LEU B 27 -20.30 25.18 -14.07
CA LEU B 27 -19.13 25.31 -13.20
C LEU B 27 -18.58 23.93 -12.86
N PRO B 28 -17.26 23.78 -12.66
CA PRO B 28 -16.26 24.85 -12.67
C PRO B 28 -16.01 25.42 -14.06
N HIS B 29 -15.64 26.69 -14.13
CA HIS B 29 -15.39 27.29 -15.43
C HIS B 29 -14.25 28.30 -15.33
N THR B 30 -13.42 28.32 -16.37
CA THR B 30 -12.47 29.39 -16.58
C THR B 30 -12.56 29.81 -18.03
N TRP B 31 -12.30 31.09 -18.30
CA TRP B 31 -12.31 31.56 -19.68
C TRP B 31 -10.93 31.54 -20.31
N ASN B 32 -9.91 31.07 -19.60
CA ASN B 32 -8.53 31.07 -20.10
C ASN B 32 -8.00 29.66 -20.32
N ALA B 33 -8.87 28.66 -20.47
CA ALA B 33 -8.39 27.29 -20.62
C ALA B 33 -7.64 27.09 -21.93
N VAL B 34 -8.01 27.83 -22.98
CA VAL B 34 -7.34 27.68 -24.27
C VAL B 34 -6.27 28.76 -24.42
N ASP B 35 -6.65 30.03 -24.28
CA ASP B 35 -5.74 31.12 -24.58
C ASP B 35 -4.69 31.37 -23.51
N GLY B 36 -4.79 30.70 -22.36
CA GLY B 36 -3.77 30.73 -21.33
C GLY B 36 -2.81 29.56 -21.35
N GLN B 37 -2.89 28.69 -22.35
CA GLN B 37 -2.07 27.49 -22.41
C GLN B 37 -1.30 27.36 -23.72
N ASP B 38 -1.34 28.36 -24.59
CA ASP B 38 -0.80 28.23 -25.93
C ASP B 38 0.30 29.24 -26.24
N GLY B 39 0.76 30.00 -25.24
CA GLY B 39 1.83 30.95 -25.46
C GLY B 39 1.37 32.31 -25.94
N GLY B 40 2.35 33.19 -26.16
CA GLY B 40 2.09 34.52 -26.66
C GLY B 40 1.84 35.58 -25.60
N ASN B 41 1.80 35.22 -24.33
CA ASN B 41 1.68 36.18 -23.24
C ASN B 41 0.44 37.06 -23.42
N ASP B 42 -0.65 36.46 -23.86
CA ASP B 42 -1.77 37.24 -24.35
C ASP B 42 -3.14 36.69 -23.93
N TYR B 43 -3.20 35.79 -22.96
CA TYR B 43 -4.53 35.34 -22.55
C TYR B 43 -5.34 36.54 -22.06
N TYR B 44 -6.66 36.44 -22.21
CA TYR B 44 -7.53 37.57 -21.93
C TYR B 44 -7.64 37.84 -20.44
N ARG B 45 -7.35 39.09 -20.05
CA ARG B 45 -7.41 39.51 -18.66
C ARG B 45 -8.32 40.72 -18.55
N GLY B 46 -9.31 40.64 -17.67
CA GLY B 46 -10.24 41.74 -17.47
C GLY B 46 -11.41 41.30 -16.62
N THR B 47 -12.50 42.08 -16.70
CA THR B 47 -13.73 41.78 -15.97
C THR B 47 -14.71 41.08 -16.90
N CYS B 48 -15.24 39.94 -16.46
CA CYS B 48 -16.31 39.23 -17.16
C CYS B 48 -17.46 38.95 -16.20
N LYS B 49 -18.61 38.59 -16.76
CA LYS B 49 -19.86 38.51 -15.99
C LYS B 49 -20.47 37.12 -16.11
N TYR B 50 -20.76 36.51 -14.97
CA TYR B 50 -21.57 35.30 -14.90
C TYR B 50 -22.97 35.68 -14.44
N VAL B 51 -23.99 35.11 -15.09
CA VAL B 51 -25.36 35.33 -14.68
C VAL B 51 -26.09 33.99 -14.58
N ARG B 52 -26.93 33.86 -13.57
CA ARG B 52 -27.83 32.73 -13.44
C ARG B 52 -28.97 33.10 -12.51
N HIS B 53 -30.05 32.34 -12.61
CA HIS B 53 -31.19 32.49 -11.73
C HIS B 53 -31.21 31.37 -10.71
N PHE B 54 -31.76 31.65 -9.54
CA PHE B 54 -32.00 30.60 -8.57
C PHE B 54 -33.29 30.89 -7.82
N ALA B 55 -33.99 29.81 -7.49
CA ALA B 55 -35.27 29.93 -6.81
C ALA B 55 -35.05 30.19 -5.32
N LYS B 56 -36.03 30.82 -4.69
CA LYS B 56 -35.95 31.07 -3.27
C LYS B 56 -35.87 29.74 -2.53
N PRO B 57 -34.91 29.55 -1.64
CA PRO B 57 -34.82 28.29 -0.90
C PRO B 57 -35.73 28.30 0.33
N GLU B 58 -36.08 27.11 0.78
CA GLU B 58 -36.92 26.97 1.96
C GLU B 58 -36.14 27.39 3.20
N LEU B 59 -36.78 28.20 4.04
CA LEU B 59 -36.11 28.80 5.18
C LEU B 59 -36.96 28.67 6.44
N GLU B 60 -36.33 28.18 7.51
CA GLU B 60 -36.89 28.30 8.85
C GLU B 60 -37.22 29.76 9.13
N LYS B 61 -38.08 29.97 10.15
CA LYS B 61 -38.42 31.32 10.55
C LYS B 61 -37.18 32.02 11.09
N GLY B 62 -36.74 33.07 10.42
CA GLY B 62 -35.51 33.72 10.80
C GLY B 62 -34.26 32.96 10.42
N GLY B 63 -34.34 32.07 9.43
CA GLY B 63 -33.17 31.43 8.89
C GLY B 63 -32.47 32.31 7.87
N ARG B 64 -31.28 31.90 7.47
CA ARG B 64 -30.47 32.70 6.58
C ARG B 64 -30.09 31.92 5.32
N ALA B 65 -29.89 32.67 4.24
CA ALA B 65 -29.42 32.10 2.98
C ALA B 65 -28.10 32.76 2.62
N TYR B 66 -27.10 31.94 2.34
CA TYR B 66 -25.76 32.39 1.99
C TYR B 66 -25.39 31.82 0.63
N LEU B 67 -24.72 32.65 -0.17
CA LEU B 67 -24.02 32.16 -1.34
C LEU B 67 -22.59 31.88 -0.92
N GLU B 68 -22.08 30.73 -1.33
CA GLU B 68 -20.71 30.33 -1.04
C GLU B 68 -19.95 30.24 -2.34
N PHE B 69 -18.87 31.00 -2.46
CA PHE B 69 -17.94 30.93 -3.59
C PHE B 69 -16.64 30.30 -3.11
N ASN B 70 -16.25 29.19 -3.73
CA ASN B 70 -15.05 28.48 -3.29
C ASN B 70 -13.81 28.86 -4.09
N GLY B 71 -13.97 29.49 -5.24
CA GLY B 71 -12.86 30.00 -6.01
C GLY B 71 -13.35 30.91 -7.11
N ALA B 72 -13.13 32.22 -6.97
CA ALA B 72 -13.48 33.18 -8.01
C ALA B 72 -12.22 34.02 -8.29
N ALA B 73 -11.56 33.76 -9.40
CA ALA B 73 -10.24 34.30 -9.70
C ALA B 73 -10.37 35.52 -10.62
N MET B 74 -9.94 36.69 -10.16
CA MET B 74 -9.27 36.93 -8.90
C MET B 74 -10.08 37.78 -7.94
N THR B 75 -10.87 38.68 -8.52
CA THR B 75 -11.69 39.64 -7.78
C THR B 75 -13.15 39.49 -8.20
N ALA B 76 -14.04 39.29 -7.24
CA ALA B 76 -15.45 39.03 -7.51
C ALA B 76 -16.33 40.10 -6.87
N ASP B 77 -17.32 40.56 -7.63
CA ASP B 77 -18.39 41.38 -7.10
C ASP B 77 -19.70 40.62 -7.28
N VAL B 78 -20.43 40.42 -6.19
CA VAL B 78 -21.67 39.65 -6.19
C VAL B 78 -22.86 40.59 -6.16
N VAL B 79 -23.68 40.55 -7.21
CA VAL B 79 -24.86 41.37 -7.35
C VAL B 79 -26.08 40.45 -7.38
N VAL B 80 -26.99 40.64 -6.43
CA VAL B 80 -28.20 39.82 -6.31
C VAL B 80 -29.41 40.73 -6.46
N ASN B 81 -30.25 40.43 -7.46
CA ASN B 81 -31.43 41.23 -7.74
C ASN B 81 -31.08 42.70 -7.87
N GLY B 82 -29.96 42.97 -8.56
CA GLY B 82 -29.54 44.32 -8.87
C GLY B 82 -28.88 45.06 -7.73
N THR B 83 -28.82 44.48 -6.54
CA THR B 83 -28.08 45.05 -5.41
C THR B 83 -26.73 44.35 -5.26
N LYS B 84 -25.65 45.13 -5.25
CA LYS B 84 -24.32 44.59 -4.98
C LYS B 84 -24.17 44.29 -3.50
N LEU B 85 -23.77 43.06 -3.19
CA LEU B 85 -23.70 42.60 -1.80
C LEU B 85 -22.29 42.28 -1.32
N PHE B 86 -21.33 42.06 -2.21
CA PHE B 86 -20.02 41.60 -1.79
C PHE B 86 -18.98 41.99 -2.82
N HIS B 87 -17.77 42.22 -2.32
CA HIS B 87 -16.61 42.45 -3.15
C HIS B 87 -15.48 41.63 -2.55
N HIS B 88 -14.89 40.74 -3.33
CA HIS B 88 -13.85 39.84 -2.80
C HIS B 88 -12.60 39.95 -3.63
N GLU B 89 -11.46 40.07 -2.95
CA GLU B 89 -10.15 40.10 -3.59
C GLU B 89 -9.33 38.91 -3.08
N GLY B 90 -9.07 37.95 -3.96
CA GLY B 90 -8.40 36.72 -3.58
C GLY B 90 -8.99 35.55 -4.32
N GLY B 91 -8.27 35.05 -5.33
CA GLY B 91 -8.92 34.12 -6.24
C GLY B 91 -8.83 32.66 -5.83
N PHE B 92 -8.47 32.37 -4.58
CA PHE B 92 -8.14 31.00 -4.19
C PHE B 92 -8.79 30.55 -2.89
N SER B 93 -9.75 31.31 -2.36
CA SER B 93 -10.25 31.06 -1.02
C SER B 93 -11.76 31.24 -1.02
N THR B 94 -12.39 30.59 -0.06
CA THR B 94 -13.84 30.65 0.07
C THR B 94 -14.28 31.98 0.65
N PHE B 95 -15.32 32.55 0.05
CA PHE B 95 -16.07 33.63 0.69
C PHE B 95 -17.56 33.34 0.56
N ARG B 96 -18.36 33.97 1.42
CA ARG B 96 -19.80 33.77 1.45
C ARG B 96 -20.51 35.11 1.52
N VAL B 97 -21.76 35.13 1.03
CA VAL B 97 -22.55 36.35 0.93
C VAL B 97 -23.94 36.06 1.50
N ASP B 98 -24.31 36.77 2.57
CA ASP B 98 -25.66 36.67 3.11
C ASP B 98 -26.65 37.37 2.18
N VAL B 99 -27.54 36.61 1.55
CA VAL B 99 -28.49 37.16 0.58
C VAL B 99 -29.92 37.12 1.09
N THR B 100 -30.14 36.86 2.38
CA THR B 100 -31.49 36.61 2.88
C THR B 100 -32.44 37.77 2.56
N GLU B 101 -32.07 38.98 2.99
CA GLU B 101 -32.97 40.11 2.86
C GLU B 101 -33.29 40.47 1.42
N GLN B 102 -32.52 39.98 0.45
CA GLN B 102 -32.77 40.31 -0.95
C GLN B 102 -33.56 39.25 -1.68
N LEU B 103 -33.91 38.15 -1.02
CA LEU B 103 -34.58 37.03 -1.69
C LEU B 103 -35.97 37.42 -2.16
N THR B 104 -36.28 37.13 -3.41
CA THR B 104 -37.65 37.05 -3.92
C THR B 104 -37.92 35.62 -4.39
N GLU B 105 -39.05 35.42 -5.07
CA GLU B 105 -39.39 34.09 -5.57
C GLU B 105 -38.33 33.57 -6.55
N ASP B 106 -38.04 34.35 -7.59
CA ASP B 106 -36.95 34.06 -8.50
C ASP B 106 -35.87 35.14 -8.37
N ASN B 107 -34.62 34.71 -8.21
CA ASN B 107 -33.53 35.60 -7.86
C ASN B 107 -32.53 35.67 -9.00
N LEU B 108 -32.11 36.89 -9.34
CA LEU B 108 -31.09 37.13 -10.36
C LEU B 108 -29.73 37.25 -9.69
N LEU B 109 -28.78 36.42 -10.13
CA LEU B 109 -27.43 36.41 -9.57
C LEU B 109 -26.47 36.83 -10.68
N GLU B 110 -25.84 38.00 -10.52
CA GLU B 110 -24.79 38.46 -11.40
C GLU B 110 -23.46 38.47 -10.65
N VAL B 111 -22.46 37.82 -11.22
CA VAL B 111 -21.13 37.76 -10.63
C VAL B 111 -20.14 38.34 -11.63
N TYR B 112 -19.54 39.48 -11.27
CA TYR B 112 -18.46 40.07 -12.04
C TYR B 112 -17.15 39.53 -11.47
N VAL B 113 -16.36 38.89 -12.32
CA VAL B 113 -15.11 38.23 -11.92
C VAL B 113 -13.99 38.86 -12.74
N ASP B 114 -12.91 39.28 -12.06
CA ASP B 114 -11.84 40.03 -12.71
C ASP B 114 -10.48 39.41 -12.39
N ASN B 115 -9.65 39.26 -13.42
CA ASN B 115 -8.28 38.79 -13.25
C ASN B 115 -7.28 39.79 -13.86
N SER B 116 -7.61 41.08 -13.80
CA SER B 116 -6.83 42.08 -14.53
C SER B 116 -5.53 42.40 -13.80
N ASP B 117 -4.65 43.09 -14.54
CA ASP B 117 -3.43 43.62 -13.97
C ASP B 117 -3.76 44.83 -13.09
N ASN B 118 -3.34 44.79 -11.83
CA ASN B 118 -3.51 45.93 -10.94
C ASN B 118 -2.50 45.77 -9.80
N THR B 119 -2.52 46.73 -8.89
CA THR B 119 -1.54 46.79 -7.82
C THR B 119 -2.13 46.39 -6.48
N LYS B 120 -3.34 45.84 -6.45
CA LYS B 120 -4.00 45.59 -5.18
C LYS B 120 -4.23 44.12 -4.87
N VAL B 121 -4.29 43.24 -5.86
CA VAL B 121 -4.63 41.82 -5.65
C VAL B 121 -3.50 40.94 -6.18
N TYR B 122 -2.78 40.28 -5.27
CA TYR B 122 -1.84 39.22 -5.65
C TYR B 122 -2.57 38.00 -6.18
N PRO B 123 -2.01 37.29 -7.17
CA PRO B 123 -0.67 37.53 -7.74
C PRO B 123 -0.69 38.43 -8.96
N GLN B 124 0.42 39.11 -9.23
CA GLN B 124 0.52 39.88 -10.46
C GLN B 124 1.74 39.56 -11.29
N LYS B 125 2.81 39.02 -10.72
CA LYS B 125 4.04 38.75 -11.46
C LYS B 125 4.52 37.37 -11.05
N ALA B 126 4.41 36.41 -11.96
CA ALA B 126 4.74 35.04 -11.62
C ALA B 126 4.77 34.21 -12.89
N ASP B 127 5.38 33.04 -12.76
CA ASP B 127 5.55 32.10 -13.86
C ASP B 127 4.39 31.11 -13.95
N PHE B 128 3.15 31.61 -13.98
CA PHE B 128 1.98 30.76 -14.16
C PHE B 128 0.78 31.61 -14.59
N THR B 129 -0.06 31.02 -15.44
CA THR B 129 -1.20 31.71 -16.01
C THR B 129 -2.23 32.05 -14.94
N PHE B 130 -2.69 33.30 -14.95
CA PHE B 130 -3.65 33.79 -13.96
C PHE B 130 -5.09 33.53 -14.42
N TYR B 131 -5.41 32.24 -14.56
CA TYR B 131 -6.73 31.83 -15.05
C TYR B 131 -7.84 32.61 -14.37
N GLY B 132 -8.74 33.18 -15.16
CA GLY B 132 -9.89 33.90 -14.63
C GLY B 132 -11.13 33.04 -14.64
N GLY B 133 -12.00 33.27 -13.65
CA GLY B 133 -13.35 32.76 -13.72
C GLY B 133 -13.78 32.10 -12.43
N LEU B 134 -14.96 31.47 -12.50
CA LEU B 134 -15.52 30.71 -11.39
C LEU B 134 -15.08 29.25 -11.57
N TYR B 135 -13.80 29.00 -11.27
CA TYR B 135 -13.17 27.71 -11.52
C TYR B 135 -13.35 26.70 -10.38
N ARG B 136 -13.94 27.12 -9.27
CA ARG B 136 -14.43 26.23 -8.23
C ARG B 136 -15.92 26.47 -8.03
N MET B 137 -16.54 25.62 -7.23
CA MET B 137 -17.99 25.56 -7.17
C MET B 137 -18.61 26.78 -6.47
N VAL B 138 -19.84 27.12 -6.88
CA VAL B 138 -20.67 28.09 -6.18
C VAL B 138 -21.81 27.32 -5.53
N LYS B 139 -22.10 27.62 -4.26
CA LYS B 139 -23.13 26.92 -3.52
C LYS B 139 -24.11 27.88 -2.86
N LEU B 140 -25.32 27.38 -2.62
CA LEU B 140 -26.36 28.07 -1.86
C LEU B 140 -26.57 27.29 -0.57
N VAL B 141 -26.24 27.92 0.57
CA VAL B 141 -26.30 27.28 1.88
C VAL B 141 -27.35 27.99 2.73
N THR B 142 -28.27 27.21 3.32
CA THR B 142 -29.29 27.75 4.20
C THR B 142 -29.07 27.21 5.61
N VAL B 143 -29.29 28.07 6.59
CA VAL B 143 -28.96 27.80 7.99
C VAL B 143 -30.14 28.21 8.86
N PRO B 144 -30.32 27.57 10.02
CA PRO B 144 -31.35 28.03 10.97
C PRO B 144 -31.03 29.43 11.47
N LYS B 145 -31.97 29.99 12.24
CA LYS B 145 -31.77 31.33 12.80
C LYS B 145 -30.56 31.38 13.70
N VAL B 146 -30.39 30.38 14.56
CA VAL B 146 -29.18 30.22 15.35
C VAL B 146 -28.24 29.33 14.55
N HIS B 147 -27.06 29.84 14.21
CA HIS B 147 -26.18 29.07 13.35
C HIS B 147 -24.73 29.39 13.67
N PHE B 148 -23.88 28.41 13.37
CA PHE B 148 -22.45 28.63 13.39
C PHE B 148 -22.07 29.70 12.37
N VAL B 149 -21.10 30.52 12.74
CA VAL B 149 -20.81 31.73 11.96
C VAL B 149 -20.42 31.38 10.53
N MET B 150 -20.94 32.14 9.58
CA MET B 150 -20.75 31.91 8.17
C MET B 150 -19.95 32.98 7.46
N ASP B 151 -19.71 34.13 8.10
CA ASP B 151 -19.14 35.29 7.43
C ASP B 151 -17.72 35.60 7.88
N TYR B 152 -17.09 34.73 8.66
CA TYR B 152 -15.73 35.01 9.13
C TYR B 152 -14.71 34.27 8.25
N ALA B 153 -14.21 34.97 7.23
CA ALA B 153 -13.04 34.53 6.48
C ALA B 153 -13.25 33.18 5.81
N GLY B 154 -14.50 32.86 5.46
CA GLY B 154 -14.75 31.60 4.80
C GLY B 154 -14.54 30.38 5.67
N GLY B 155 -14.34 30.56 6.97
CA GLY B 155 -14.33 29.43 7.88
C GLY B 155 -15.72 28.86 8.02
N ASN B 156 -15.84 27.88 8.92
CA ASN B 156 -17.14 27.32 9.24
C ASN B 156 -17.51 27.53 10.70
N GLY B 157 -16.81 28.41 11.39
CA GLY B 157 -17.12 28.68 12.78
C GLY B 157 -16.60 27.64 13.74
N MET B 158 -15.67 26.78 13.29
CA MET B 158 -15.06 25.77 14.14
C MET B 158 -13.54 25.85 14.05
N LYS B 159 -12.88 25.72 15.20
CA LYS B 159 -11.42 25.70 15.29
C LYS B 159 -11.04 24.55 16.22
N VAL B 160 -10.47 23.48 15.65
CA VAL B 160 -10.11 22.28 16.41
C VAL B 160 -8.59 22.16 16.48
N THR B 161 -8.07 22.00 17.70
CA THR B 161 -6.63 22.01 17.95
C THR B 161 -6.25 20.75 18.72
N PRO B 162 -5.72 19.72 18.05
CA PRO B 162 -5.20 18.55 18.76
C PRO B 162 -3.76 18.79 19.22
N GLU B 163 -3.55 18.82 20.54
CA GLU B 163 -2.22 18.93 21.12
C GLU B 163 -1.77 17.56 21.60
N VAL B 164 -0.70 17.03 21.01
CA VAL B 164 -0.34 15.62 21.13
C VAL B 164 0.89 15.47 22.01
N THR B 165 0.86 14.45 22.88
CA THR B 165 2.03 14.04 23.66
C THR B 165 2.37 12.61 23.27
N ILE B 166 3.60 12.39 22.82
CA ILE B 166 4.08 11.05 22.45
C ILE B 166 4.53 10.34 23.71
N LEU B 167 3.87 9.24 24.05
CA LEU B 167 4.22 8.44 25.22
C LEU B 167 5.22 7.33 24.89
N ASP B 168 5.07 6.67 23.74
CA ASP B 168 6.03 5.65 23.29
C ASP B 168 6.09 5.67 21.76
N ALA B 169 7.19 6.22 21.21
CA ALA B 169 7.24 6.44 19.76
C ALA B 169 7.13 5.12 19.00
N ALA B 170 7.86 4.09 19.45
CA ALA B 170 7.90 2.84 18.68
C ALA B 170 6.56 2.14 18.64
N GLU B 171 5.76 2.27 19.70
CA GLU B 171 4.42 1.69 19.83
C GLU B 171 3.33 2.61 19.29
N LYS B 172 3.68 3.83 18.86
CA LYS B 172 2.70 4.81 18.43
C LYS B 172 1.70 5.10 19.55
N GLN B 173 2.17 5.11 20.79
CA GLN B 173 1.33 5.40 21.93
C GLN B 173 1.39 6.89 22.21
N ALA B 174 0.23 7.55 22.22
CA ALA B 174 0.17 8.98 22.46
C ALA B 174 -1.15 9.35 23.14
N ASP B 175 -1.11 10.47 23.85
CA ASP B 175 -2.29 11.15 24.37
C ASP B 175 -2.53 12.42 23.57
N ALA B 176 -3.74 12.94 23.67
CA ALA B 176 -4.08 14.14 22.90
C ALA B 176 -5.17 14.92 23.62
N ASP B 177 -4.90 16.21 23.87
CA ASP B 177 -5.94 17.15 24.26
C ASP B 177 -6.46 17.82 23.00
N VAL B 178 -7.74 17.62 22.70
CA VAL B 178 -8.38 18.19 21.52
C VAL B 178 -9.28 19.32 21.98
N THR B 179 -8.94 20.55 21.58
CA THR B 179 -9.75 21.72 21.88
C THR B 179 -10.64 22.02 20.68
N VAL B 180 -11.92 22.23 20.94
CA VAL B 180 -12.88 22.61 19.90
C VAL B 180 -13.42 23.98 20.29
N GLU B 181 -13.08 25.00 19.51
CA GLU B 181 -13.60 26.35 19.72
C GLU B 181 -14.63 26.63 18.64
N LEU B 182 -15.69 27.33 19.01
CA LEU B 182 -16.79 27.58 18.08
C LEU B 182 -17.30 29.01 18.22
N TRP B 183 -17.87 29.50 17.13
CA TRP B 183 -18.41 30.84 17.03
C TRP B 183 -19.78 30.74 16.40
N MET B 184 -20.76 31.43 16.98
CA MET B 184 -22.16 31.27 16.61
C MET B 184 -22.84 32.64 16.52
N THR B 185 -23.78 32.76 15.60
CA THR B 185 -24.68 33.90 15.54
C THR B 185 -26.02 33.53 16.18
N GLY B 186 -26.77 34.56 16.54
CA GLY B 186 -28.05 34.38 17.19
C GLY B 186 -27.89 34.23 18.69
N GLU B 187 -29.03 34.27 19.37
CA GLU B 187 -29.06 34.18 20.83
C GLU B 187 -29.13 32.70 21.18
N ALA B 188 -27.96 32.09 21.32
CA ALA B 188 -27.85 30.68 21.63
C ALA B 188 -27.60 30.49 23.12
N THR B 189 -27.90 29.28 23.60
CA THR B 189 -27.78 28.95 25.01
C THR B 189 -26.57 28.07 25.29
N ASP B 190 -26.47 26.94 24.59
CA ASP B 190 -25.34 26.04 24.74
C ASP B 190 -25.22 25.24 23.45
N VAL B 191 -24.17 24.43 23.37
CA VAL B 191 -23.83 23.69 22.16
C VAL B 191 -23.30 22.32 22.57
N THR B 192 -23.50 21.33 21.71
CA THR B 192 -23.02 19.97 21.94
C THR B 192 -21.89 19.64 20.98
N VAL B 193 -20.80 19.08 21.50
CA VAL B 193 -19.59 18.80 20.74
C VAL B 193 -19.23 17.33 20.89
N ALA B 194 -19.04 16.64 19.76
CA ALA B 194 -18.75 15.21 19.73
C ALA B 194 -17.36 14.97 19.15
N VAL B 195 -16.52 14.27 19.91
CA VAL B 195 -15.16 13.94 19.50
C VAL B 195 -14.82 12.54 20.00
N ALA B 196 -14.47 11.66 19.07
CA ALA B 196 -13.91 10.35 19.43
C ALA B 196 -14.82 9.59 20.39
N GLY B 197 -16.11 9.52 20.06
CA GLY B 197 -17.08 8.81 20.87
C GLY B 197 -17.50 9.49 22.16
N GLU B 198 -16.89 10.62 22.52
CA GLU B 198 -17.32 11.37 23.69
C GLU B 198 -18.23 12.53 23.27
N THR B 199 -19.03 12.99 24.23
CA THR B 199 -19.92 14.12 24.01
C THR B 199 -19.92 15.03 25.22
N GLN B 200 -19.83 16.33 24.97
CA GLN B 200 -19.93 17.34 25.99
C GLN B 200 -20.95 18.37 25.57
N THR B 201 -21.57 19.03 26.56
CA THR B 201 -22.44 20.17 26.31
C THR B 201 -21.84 21.36 27.06
N VAL B 202 -21.66 22.48 26.36
CA VAL B 202 -21.00 23.63 26.96
C VAL B 202 -21.84 24.87 26.73
N PRO B 203 -21.67 25.88 27.58
CA PRO B 203 -22.44 27.12 27.42
C PRO B 203 -21.93 27.98 26.28
N VAL B 204 -22.86 28.65 25.60
CA VAL B 204 -22.53 29.69 24.64
C VAL B 204 -22.55 31.04 25.36
N GLU B 205 -21.51 31.84 25.15
CA GLU B 205 -21.41 33.16 25.76
C GLU B 205 -20.72 34.11 24.79
N ASN B 206 -21.44 35.13 24.36
CA ASN B 206 -20.89 36.12 23.43
C ASN B 206 -20.55 35.49 22.08
N GLY B 207 -21.42 34.58 21.62
CA GLY B 207 -21.17 33.89 20.36
C GLY B 207 -19.96 32.99 20.35
N TYR B 208 -19.58 32.40 21.48
CA TYR B 208 -18.34 31.63 21.57
C TYR B 208 -18.51 30.48 22.56
N ALA B 209 -18.00 29.31 22.19
CA ALA B 209 -18.00 28.15 23.07
C ALA B 209 -16.68 27.40 22.93
N ARG B 210 -16.30 26.70 23.99
CA ARG B 210 -15.06 25.95 24.04
C ARG B 210 -15.26 24.61 24.73
N ALA B 211 -14.59 23.58 24.23
CA ALA B 211 -14.67 22.24 24.80
C ALA B 211 -13.33 21.57 24.62
N VAL B 212 -12.82 20.95 25.67
CA VAL B 212 -11.56 20.22 25.63
C VAL B 212 -11.85 18.76 25.95
N PHE B 213 -11.38 17.87 25.07
CA PHE B 213 -11.44 16.42 25.28
C PHE B 213 -10.03 15.90 25.54
N ALA B 214 -9.83 15.31 26.71
CA ALA B 214 -8.55 14.71 27.08
C ALA B 214 -8.59 13.25 26.64
N LEU B 215 -8.01 12.98 25.47
CA LEU B 215 -8.04 11.65 24.87
C LEU B 215 -6.76 10.90 25.24
N LYS B 216 -6.91 9.65 25.69
CA LYS B 216 -5.78 8.80 25.96
C LYS B 216 -5.66 7.75 24.86
N ASN B 217 -4.42 7.35 24.58
CA ASN B 217 -4.12 6.35 23.56
C ASN B 217 -4.85 6.64 22.25
N VAL B 218 -4.67 7.87 21.75
CA VAL B 218 -5.29 8.23 20.48
C VAL B 218 -4.56 7.53 19.34
N HIS B 219 -5.27 7.38 18.23
CA HIS B 219 -4.74 6.75 17.03
C HIS B 219 -4.07 7.83 16.19
N LEU B 220 -2.74 7.82 16.18
CA LEU B 220 -2.00 8.91 15.55
C LEU B 220 -2.20 8.94 14.05
N TRP B 221 -2.32 10.14 13.51
CA TRP B 221 -2.05 10.41 12.10
C TRP B 221 -0.54 10.31 11.88
N ASP B 222 -0.08 9.29 11.16
CA ASP B 222 1.33 8.94 11.16
C ASP B 222 1.93 8.89 9.76
N GLY B 223 1.49 9.77 8.86
CA GLY B 223 2.07 9.84 7.55
C GLY B 223 1.48 8.82 6.60
N VAL B 224 2.26 8.41 5.58
CA VAL B 224 1.70 7.63 4.48
C VAL B 224 1.27 6.25 4.94
N ASP B 225 1.89 5.72 6.00
CA ASP B 225 1.57 4.35 6.41
C ASP B 225 0.33 4.25 7.30
N ASP B 226 -0.12 5.35 7.89
CA ASP B 226 -1.32 5.25 8.70
C ASP B 226 -1.96 6.62 8.87
N PRO B 227 -2.68 7.13 7.87
CA PRO B 227 -3.20 8.51 7.95
C PRO B 227 -4.56 8.56 8.64
N TYR B 228 -4.60 8.18 9.90
CA TYR B 228 -5.87 8.07 10.62
C TYR B 228 -6.48 9.44 10.91
N LEU B 229 -7.76 9.60 10.57
CA LEU B 229 -8.46 10.86 10.74
C LEU B 229 -9.61 10.71 11.73
N TYR B 230 -9.82 11.75 12.54
CA TYR B 230 -10.94 11.86 13.45
C TYR B 230 -11.92 12.91 12.91
N THR B 231 -13.09 12.97 13.54
CA THR B 231 -14.13 13.93 13.18
C THR B 231 -14.62 14.66 14.44
N ALA B 232 -14.61 15.97 14.40
CA ALA B 232 -15.19 16.77 15.47
C ALA B 232 -16.53 17.31 14.97
N LYS B 233 -17.58 17.13 15.77
CA LYS B 233 -18.91 17.57 15.36
C LYS B 233 -19.53 18.43 16.45
N ALA B 234 -20.06 19.58 16.05
CA ALA B 234 -20.75 20.49 16.95
C ALA B 234 -22.18 20.71 16.44
N GLU B 235 -23.13 20.74 17.38
CA GLU B 235 -24.54 20.83 17.03
C GLU B 235 -25.28 21.74 18.02
N LEU B 236 -26.17 22.59 17.47
CA LEU B 236 -26.94 23.57 18.22
C LEU B 236 -28.39 23.14 18.39
N PRO B 237 -29.04 23.57 19.47
CA PRO B 237 -30.44 23.15 19.71
C PRO B 237 -31.34 23.30 18.50
N GLY B 238 -31.22 24.41 17.78
CA GLY B 238 -32.05 24.65 16.60
C GLY B 238 -31.75 23.74 15.42
N GLY B 239 -30.69 22.93 15.49
CA GLY B 239 -30.40 21.95 14.45
C GLY B 239 -29.19 22.23 13.59
N ASP B 240 -28.53 23.38 13.71
CA ASP B 240 -27.34 23.62 12.88
C ASP B 240 -26.18 22.71 13.32
N VAL B 241 -25.43 22.23 12.34
CA VAL B 241 -24.31 21.32 12.55
C VAL B 241 -23.13 21.77 11.70
N VAL B 242 -21.93 21.74 12.28
CA VAL B 242 -20.70 21.88 11.52
C VAL B 242 -19.74 20.78 11.97
N GLU B 243 -18.70 20.54 11.17
CA GLU B 243 -17.70 19.57 11.57
C GLU B 243 -16.38 19.81 10.84
N ARG B 244 -15.30 19.36 11.47
CA ARG B 244 -13.99 19.31 10.86
C ARG B 244 -13.41 17.92 11.08
N THR B 245 -12.76 17.39 10.06
CA THR B 245 -11.82 16.29 10.27
C THR B 245 -10.53 16.85 10.86
N PHE B 246 -9.86 16.03 11.65
CA PHE B 246 -8.56 16.41 12.18
C PHE B 246 -7.74 15.16 12.37
N GLY B 247 -6.43 15.34 12.51
CA GLY B 247 -5.53 14.25 12.82
C GLY B 247 -4.61 14.62 13.96
N CYS B 248 -4.18 13.59 14.67
CA CYS B 248 -3.34 13.75 15.85
C CYS B 248 -1.90 13.42 15.45
N ARG B 249 -1.05 14.45 15.41
CA ARG B 249 0.35 14.19 15.19
C ARG B 249 1.17 15.31 15.83
N SER B 250 2.35 14.93 16.29
CA SER B 250 3.38 15.88 16.72
C SER B 250 4.49 15.90 15.69
N PHE B 251 5.19 17.02 15.60
CA PHE B 251 6.32 17.09 14.69
C PHE B 251 7.22 18.20 15.15
N LYS B 252 8.47 18.11 14.73
CA LYS B 252 9.42 19.18 14.96
C LYS B 252 10.40 19.17 13.80
N VAL B 253 11.14 20.27 13.65
CA VAL B 253 12.14 20.41 12.61
C VAL B 253 13.45 20.78 13.29
N ASP B 254 14.40 19.87 13.24
CA ASP B 254 15.71 20.08 13.82
C ASP B 254 16.67 20.63 12.76
N SER B 255 17.33 21.74 13.08
CA SER B 255 18.16 22.37 12.07
C SER B 255 19.28 21.45 11.58
N ARG B 256 19.64 20.43 12.35
CA ARG B 256 20.70 19.50 11.98
C ARG B 256 20.21 18.15 11.48
N GLU B 257 19.10 17.65 12.01
CA GLU B 257 18.65 16.30 11.71
C GLU B 257 17.37 16.26 10.86
N GLY B 258 16.77 17.40 10.57
CA GLY B 258 15.64 17.44 9.66
C GLY B 258 14.29 17.30 10.35
N PHE B 259 13.31 16.76 9.63
CA PHE B 259 11.93 16.72 10.07
C PHE B 259 11.65 15.47 10.88
N PHE B 260 10.86 15.62 11.93
CA PHE B 260 10.46 14.52 12.81
C PHE B 260 8.95 14.46 12.89
N LEU B 261 8.41 13.25 12.74
CA LEU B 261 6.98 13.01 12.82
C LEU B 261 6.71 12.01 13.94
N ASN B 262 5.98 12.44 14.96
CA ASN B 262 5.52 11.56 16.03
C ASN B 262 6.67 10.82 16.71
N GLY B 263 7.75 11.53 17.02
CA GLY B 263 8.85 10.98 17.77
C GLY B 263 9.91 10.25 16.97
N ARG B 264 9.82 10.28 15.64
CA ARG B 264 10.73 9.55 14.76
C ARG B 264 11.17 10.45 13.61
N SER B 265 12.40 10.24 13.13
CA SER B 265 12.88 10.94 11.95
C SER B 265 12.02 10.60 10.72
N TYR B 266 11.60 11.63 9.99
CA TYR B 266 10.65 11.48 8.89
C TYR B 266 11.00 12.46 7.77
N PRO B 267 12.12 12.22 7.07
CA PRO B 267 12.59 13.19 6.07
C PRO B 267 11.53 13.47 5.01
N LEU B 268 11.29 14.77 4.77
CA LEU B 268 10.29 15.21 3.80
C LEU B 268 10.96 15.33 2.42
N ARG B 269 10.54 14.49 1.48
CA ARG B 269 11.16 14.36 0.17
C ARG B 269 10.05 14.22 -0.85
N GLY B 270 9.80 15.29 -1.62
CA GLY B 270 8.64 15.27 -2.49
C GLY B 270 8.69 16.24 -3.65
N VAL B 271 7.54 16.84 -3.95
CA VAL B 271 7.35 17.60 -5.17
C VAL B 271 6.37 18.74 -4.90
N SER B 272 6.14 19.58 -5.91
CA SER B 272 5.11 20.61 -5.91
C SER B 272 4.04 20.29 -6.94
N ARG B 273 2.93 21.03 -6.86
CA ARG B 273 1.83 20.79 -7.77
C ARG B 273 1.04 22.07 -7.98
N HIS B 274 0.86 22.45 -9.23
CA HIS B 274 -0.02 23.54 -9.62
C HIS B 274 -1.42 22.98 -9.86
N GLN B 275 -2.45 23.80 -9.63
CA GLN B 275 -3.83 23.29 -9.70
C GLN B 275 -4.45 23.42 -11.09
N ASP B 276 -3.73 23.09 -12.16
CA ASP B 276 -4.29 23.16 -13.51
C ASP B 276 -3.96 21.88 -14.27
N ARG B 277 -4.36 21.84 -15.53
CA ARG B 277 -4.20 20.67 -16.37
C ARG B 277 -4.50 21.07 -17.81
N ALA B 278 -3.89 20.36 -18.75
CA ALA B 278 -4.12 20.66 -20.15
C ALA B 278 -5.60 20.54 -20.49
N GLY B 279 -6.10 21.46 -21.29
CA GLY B 279 -7.50 21.42 -21.71
C GLY B 279 -8.46 22.04 -20.72
N ALA B 280 -8.40 21.61 -19.47
CA ALA B 280 -9.32 22.07 -18.43
C ALA B 280 -8.91 23.41 -17.84
N GLY B 281 -7.66 23.82 -18.00
CA GLY B 281 -7.19 24.97 -17.25
C GLY B 281 -7.14 24.63 -15.77
N ASN B 282 -7.57 25.57 -14.93
CA ASN B 282 -7.73 25.30 -13.52
C ASN B 282 -9.16 24.91 -13.14
N ALA B 283 -10.02 24.65 -14.12
CA ALA B 283 -11.39 24.19 -13.82
C ALA B 283 -11.39 22.68 -13.57
N LEU B 284 -10.80 22.31 -12.43
CA LEU B 284 -10.57 20.90 -12.12
C LEU B 284 -11.80 20.24 -11.52
N THR B 285 -12.09 19.03 -11.98
CA THR B 285 -13.08 18.17 -11.36
C THR B 285 -12.46 17.41 -10.20
N TYR B 286 -13.31 16.77 -9.40
CA TYR B 286 -12.79 15.94 -8.32
C TYR B 286 -11.91 14.81 -8.87
N GLU B 287 -12.35 14.18 -9.96
CA GLU B 287 -11.60 13.07 -10.52
C GLU B 287 -10.19 13.51 -10.91
N MET B 288 -10.05 14.74 -11.39
CA MET B 288 -8.73 15.26 -11.73
C MET B 288 -7.85 15.42 -10.51
N HIS B 289 -8.39 15.99 -9.42
CA HIS B 289 -7.65 16.01 -8.16
C HIS B 289 -7.21 14.61 -7.76
N ARG B 290 -8.12 13.63 -7.84
CA ARG B 290 -7.78 12.27 -7.42
C ARG B 290 -6.68 11.68 -8.26
N GLU B 291 -6.77 11.85 -9.59
CA GLU B 291 -5.73 11.34 -10.47
C GLU B 291 -4.37 11.97 -10.15
N ASP B 292 -4.34 13.28 -9.87
CA ASP B 292 -3.07 13.87 -9.46
C ASP B 292 -2.55 13.17 -8.20
N MET B 293 -3.41 12.94 -7.21
CA MET B 293 -2.95 12.29 -5.99
C MET B 293 -2.54 10.85 -6.25
N ALA B 294 -3.20 10.15 -7.17
CA ALA B 294 -2.80 8.78 -7.44
C ALA B 294 -1.40 8.73 -8.03
N ILE B 295 -1.02 9.77 -8.78
CA ILE B 295 0.33 9.83 -9.34
C ILE B 295 1.35 10.13 -8.25
N VAL B 296 0.99 11.02 -7.32
CA VAL B 296 1.83 11.23 -6.13
C VAL B 296 2.11 9.91 -5.43
N ARG B 297 1.07 9.08 -5.23
CA ARG B 297 1.23 7.82 -4.51
C ARG B 297 2.13 6.85 -5.28
N GLU B 298 1.92 6.72 -6.59
CA GLU B 298 2.79 5.85 -7.36
C GLU B 298 4.23 6.34 -7.27
N LEU B 299 4.43 7.65 -7.28
CA LEU B 299 5.77 8.22 -7.19
C LEU B 299 6.40 7.94 -5.83
N GLY B 300 5.58 7.86 -4.79
CA GLY B 300 6.11 7.71 -3.45
C GLY B 300 6.60 8.99 -2.80
N ALA B 301 6.31 10.14 -3.39
CA ALA B 301 6.60 11.40 -2.71
C ALA B 301 5.79 11.45 -1.41
N ASN B 302 6.45 11.84 -0.31
CA ASN B 302 5.77 11.91 0.97
C ASN B 302 5.44 13.34 1.39
N THR B 303 5.65 14.32 0.51
CA THR B 303 5.28 15.70 0.78
C THR B 303 5.00 16.42 -0.54
N ILE B 304 4.06 17.35 -0.51
CA ILE B 304 3.73 18.19 -1.65
C ILE B 304 3.78 19.64 -1.20
N ARG B 305 4.53 20.46 -1.94
CA ARG B 305 4.44 21.90 -1.80
C ARG B 305 3.32 22.38 -2.72
N LEU B 306 2.25 22.90 -2.11
CA LEU B 306 1.12 23.36 -2.90
C LEU B 306 1.26 24.86 -3.17
N ALA B 307 2.19 25.17 -4.07
CA ALA B 307 2.40 26.54 -4.53
C ALA B 307 1.38 26.87 -5.60
N HIS B 308 1.16 28.16 -5.83
CA HIS B 308 1.69 29.27 -5.04
C HIS B 308 0.54 30.01 -4.33
N TYR B 309 -0.43 29.26 -3.81
CA TYR B 309 -1.72 29.85 -3.44
C TYR B 309 -2.49 28.76 -2.71
N GLN B 310 -3.60 29.15 -2.11
CA GLN B 310 -4.48 28.19 -1.45
C GLN B 310 -5.07 27.25 -2.50
N HIS B 311 -4.97 25.95 -2.25
CA HIS B 311 -5.50 24.96 -3.18
C HIS B 311 -6.92 24.59 -2.77
N ALA B 312 -7.53 23.70 -3.54
CA ALA B 312 -8.89 23.25 -3.26
C ALA B 312 -8.95 22.44 -1.97
N GLN B 313 -10.04 22.61 -1.23
CA GLN B 313 -10.29 21.77 -0.06
C GLN B 313 -10.20 20.30 -0.43
N GLU B 314 -10.71 19.93 -1.62
CA GLU B 314 -10.67 18.54 -2.03
C GLU B 314 -9.24 18.03 -2.07
N PHE B 315 -8.28 18.86 -2.48
CA PHE B 315 -6.93 18.35 -2.56
C PHE B 315 -6.26 18.27 -1.20
N TYR B 316 -6.50 19.25 -0.32
CA TYR B 316 -6.00 19.12 1.05
C TYR B 316 -6.62 17.90 1.73
N ASP B 317 -7.92 17.67 1.53
CA ASP B 317 -8.56 16.45 2.01
C ASP B 317 -7.79 15.21 1.54
N LEU B 318 -7.51 15.15 0.22
CA LEU B 318 -6.77 14.01 -0.32
C LEU B 318 -5.41 13.84 0.36
N CYS B 319 -4.74 14.94 0.69
CA CYS B 319 -3.46 14.84 1.38
C CYS B 319 -3.67 14.29 2.79
N ASP B 320 -4.68 14.82 3.51
CA ASP B 320 -5.07 14.27 4.80
C ASP B 320 -5.28 12.76 4.71
N GLU B 321 -6.11 12.32 3.76
CA GLU B 321 -6.54 10.94 3.66
C GLU B 321 -5.42 10.01 3.21
N ASN B 322 -4.37 10.56 2.61
CA ASN B 322 -3.27 9.79 2.07
C ASN B 322 -2.00 9.91 2.90
N GLY B 323 -2.01 10.73 3.95
CA GLY B 323 -0.84 10.89 4.79
C GLY B 323 0.29 11.72 4.23
N ILE B 324 -0.02 12.62 3.26
CA ILE B 324 0.98 13.46 2.59
C ILE B 324 1.14 14.76 3.36
N ILE B 325 2.38 15.20 3.55
CA ILE B 325 2.64 16.39 4.36
C ILE B 325 2.79 17.61 3.44
N VAL B 326 2.08 18.68 3.77
CA VAL B 326 1.83 19.79 2.84
C VAL B 326 2.48 21.07 3.35
N TRP B 327 3.02 21.84 2.42
CA TRP B 327 3.45 23.22 2.59
C TRP B 327 2.42 24.07 1.85
N ALA B 328 1.79 25.00 2.57
CA ALA B 328 0.76 25.86 2.01
C ALA B 328 1.19 27.32 2.11
N GLU B 329 0.80 28.13 1.13
CA GLU B 329 1.26 29.51 1.09
C GLU B 329 0.26 30.39 0.35
N ILE B 330 0.54 31.69 0.35
CA ILE B 330 -0.27 32.69 -0.36
C ILE B 330 0.51 33.19 -1.57
N PRO B 331 -0.17 33.76 -2.58
CA PRO B 331 0.54 34.23 -3.78
C PRO B 331 1.25 35.57 -3.59
N TYR B 332 1.94 35.75 -2.47
CA TYR B 332 2.80 36.92 -2.26
C TYR B 332 4.12 36.60 -2.97
N ILE B 333 4.24 37.00 -4.24
CA ILE B 333 5.19 36.36 -5.13
C ILE B 333 5.88 37.37 -6.03
N THR B 334 7.23 37.30 -6.08
CA THR B 334 8.09 37.99 -7.04
C THR B 334 8.30 39.49 -6.81
N MET B 335 7.22 40.27 -6.78
CA MET B 335 7.33 41.73 -6.79
C MET B 335 6.43 42.32 -5.72
N HIS B 336 7.02 42.90 -4.69
CA HIS B 336 6.24 43.56 -3.64
C HIS B 336 5.56 44.80 -4.19
N MET B 337 4.30 44.99 -3.81
CA MET B 337 3.57 46.21 -4.18
C MET B 337 2.83 46.72 -2.95
N ALA B 338 3.10 47.96 -2.58
CA ALA B 338 2.61 48.50 -1.32
C ALA B 338 1.09 48.44 -1.23
N ASP B 339 0.39 48.59 -2.36
CA ASP B 339 -1.07 48.54 -2.38
C ASP B 339 -1.62 47.13 -2.15
N GLY B 340 -0.79 46.10 -2.27
CA GLY B 340 -1.23 44.75 -2.03
C GLY B 340 -1.02 44.26 -0.62
N THR B 341 -0.50 45.10 0.27
CA THR B 341 -0.17 44.63 1.61
C THR B 341 -1.38 44.04 2.33
N GLU B 342 -2.52 44.76 2.30
CA GLU B 342 -3.72 44.24 2.95
C GLU B 342 -4.19 42.95 2.30
N ASN B 343 -4.01 42.83 0.99
CA ASN B 343 -4.40 41.59 0.33
C ASN B 343 -3.56 40.42 0.80
N THR B 344 -2.25 40.64 1.07
CA THR B 344 -1.44 39.55 1.63
C THR B 344 -1.99 39.10 2.99
N LEU B 345 -2.31 40.06 3.87
CA LEU B 345 -2.87 39.68 5.17
C LEU B 345 -4.26 39.05 5.04
N SER B 346 -5.06 39.51 4.08
CA SER B 346 -6.40 38.95 3.92
C SER B 346 -6.31 37.51 3.41
N GLN B 347 -5.47 37.24 2.41
CA GLN B 347 -5.34 35.87 1.91
C GLN B 347 -4.71 34.95 2.94
N MET B 348 -3.75 35.46 3.73
CA MET B 348 -3.18 34.62 4.78
C MET B 348 -4.21 34.26 5.83
N LYS B 349 -5.06 35.22 6.22
CA LYS B 349 -6.08 34.94 7.22
C LYS B 349 -7.04 33.87 6.73
N GLU B 350 -7.45 33.94 5.45
CA GLU B 350 -8.41 32.97 4.92
C GLU B 350 -7.75 31.60 4.77
N LEU B 351 -6.50 31.58 4.33
CA LEU B 351 -5.76 30.32 4.23
C LEU B 351 -5.75 29.58 5.55
N ILE B 352 -5.39 30.26 6.63
CA ILE B 352 -5.27 29.59 7.92
C ILE B 352 -6.64 29.24 8.49
N VAL B 353 -7.61 30.15 8.39
CA VAL B 353 -8.93 29.90 8.98
C VAL B 353 -9.60 28.72 8.27
N GLN B 354 -9.42 28.63 6.96
CA GLN B 354 -10.09 27.62 6.16
C GLN B 354 -9.34 26.29 6.12
N ASN B 355 -8.09 26.25 6.58
CA ASN B 355 -7.27 25.06 6.44
C ASN B 355 -6.59 24.63 7.72
N TYR B 356 -6.79 25.35 8.82
CA TYR B 356 -6.15 25.07 10.11
C TYR B 356 -6.30 23.62 10.55
N HIS B 357 -7.41 22.97 10.18
CA HIS B 357 -7.73 21.62 10.61
C HIS B 357 -7.00 20.52 9.83
N HIS B 358 -6.42 20.84 8.68
CA HIS B 358 -5.80 19.78 7.87
C HIS B 358 -4.52 19.28 8.53
N PRO B 359 -4.46 18.02 9.00
CA PRO B 359 -3.22 17.54 9.62
C PRO B 359 -2.07 17.43 8.64
N SER B 360 -2.35 17.37 7.33
CA SER B 360 -1.27 17.28 6.34
C SER B 360 -0.41 18.54 6.34
N ILE B 361 -0.99 19.70 6.64
CA ILE B 361 -0.26 20.97 6.59
C ILE B 361 0.62 21.10 7.81
N VAL B 362 1.92 21.32 7.59
CA VAL B 362 2.87 21.52 8.68
C VAL B 362 3.55 22.88 8.64
N CYS B 363 3.21 23.77 7.71
CA CYS B 363 3.88 25.05 7.65
C CYS B 363 3.12 26.02 6.76
N TRP B 364 3.22 27.32 7.08
CA TRP B 364 2.59 28.40 6.31
C TRP B 364 3.69 29.21 5.60
N GLY B 365 3.58 29.30 4.28
CA GLY B 365 4.54 30.04 3.49
C GLY B 365 4.15 31.48 3.29
N LEU B 366 5.05 32.40 3.68
CA LEU B 366 4.75 33.83 3.65
C LEU B 366 4.80 34.39 2.23
N SER B 367 5.71 33.90 1.41
CA SER B 367 5.92 34.50 0.09
C SER B 367 6.89 33.63 -0.68
N ASN B 368 6.98 33.89 -1.97
CA ASN B 368 7.84 33.14 -2.86
C ASN B 368 8.67 34.10 -3.69
N GLU B 369 10.00 33.99 -3.59
CA GLU B 369 10.94 34.72 -4.44
C GLU B 369 10.66 36.22 -4.40
N ILE B 370 10.20 36.71 -3.25
CA ILE B 370 9.69 38.06 -3.19
C ILE B 370 10.77 39.10 -3.47
N THR B 371 12.05 38.74 -3.33
CA THR B 371 13.11 39.69 -3.67
C THR B 371 13.61 39.53 -5.10
N ALA B 372 12.94 38.73 -5.93
CA ALA B 372 13.29 38.67 -7.34
C ALA B 372 13.08 40.01 -8.03
N ALA B 373 12.15 40.83 -7.53
CA ALA B 373 11.95 42.17 -8.07
C ALA B 373 11.50 43.13 -6.99
N SER B 374 12.12 43.09 -5.82
CA SER B 374 11.83 44.06 -4.76
C SER B 374 13.14 44.41 -4.06
N ALA B 375 13.31 45.70 -3.79
CA ALA B 375 14.39 46.13 -2.90
C ALA B 375 14.10 45.65 -1.48
N VAL B 376 15.13 45.28 -0.74
CA VAL B 376 14.94 44.88 0.65
C VAL B 376 14.98 46.16 1.49
N ASN B 377 13.80 46.63 1.89
CA ASN B 377 13.68 47.87 2.65
C ASN B 377 12.68 47.66 3.78
N GLU B 378 12.46 48.72 4.58
CA GLU B 378 11.60 48.58 5.74
C GLU B 378 10.18 48.21 5.36
N GLU B 379 9.70 48.71 4.22
CA GLU B 379 8.37 48.35 3.75
C GLU B 379 8.25 46.84 3.54
N LEU B 380 9.19 46.25 2.79
CA LEU B 380 9.16 44.81 2.55
C LEU B 380 9.25 44.04 3.86
N LEU B 381 10.26 44.33 4.68
CA LEU B 381 10.44 43.59 5.92
C LEU B 381 9.21 43.70 6.80
N GLU B 382 8.60 44.89 6.85
CA GLU B 382 7.39 45.08 7.64
C GLU B 382 6.25 44.20 7.15
N ASN B 383 6.00 44.18 5.83
CA ASN B 383 4.95 43.31 5.30
C ASN B 383 5.18 41.87 5.76
N HIS B 384 6.44 41.45 5.85
CA HIS B 384 6.76 40.08 6.22
C HIS B 384 6.64 39.85 7.72
N ARG B 385 7.02 40.84 8.53
CA ARG B 385 6.79 40.72 9.97
C ARG B 385 5.30 40.62 10.27
N ARG B 386 4.49 41.39 9.58
CA ARG B 386 3.05 41.36 9.85
C ARG B 386 2.46 40.01 9.47
N LEU B 387 2.91 39.43 8.35
CA LEU B 387 2.39 38.11 7.98
C LEU B 387 2.86 37.07 8.97
N ASN B 388 4.14 37.12 9.33
CA ASN B 388 4.69 36.20 10.32
C ASN B 388 3.93 36.29 11.62
N ASP B 389 3.70 37.52 12.11
CA ASP B 389 2.97 37.71 13.37
C ASP B 389 1.56 37.17 13.25
N LEU B 390 0.93 37.34 12.09
CA LEU B 390 -0.45 36.86 11.94
C LEU B 390 -0.50 35.33 12.00
N CYS B 391 0.40 34.67 11.29
CA CYS B 391 0.49 33.21 11.34
C CYS B 391 0.61 32.73 12.78
N HIS B 392 1.54 33.33 13.53
CA HIS B 392 1.78 32.92 14.91
C HIS B 392 0.60 33.27 15.80
N GLU B 393 -0.09 34.37 15.50
CA GLU B 393 -1.24 34.75 16.31
C GLU B 393 -2.38 33.78 16.10
N LEU B 394 -2.62 33.37 14.86
CA LEU B 394 -3.73 32.47 14.54
C LEU B 394 -3.42 31.02 14.87
N ASP B 395 -2.16 30.60 14.77
CA ASP B 395 -1.82 29.17 14.82
C ASP B 395 -0.52 28.99 15.58
N LYS B 396 -0.64 28.47 16.80
CA LYS B 396 0.53 28.11 17.60
C LYS B 396 1.11 26.75 17.23
N THR B 397 0.53 26.01 16.28
CA THR B 397 0.94 24.63 16.08
C THR B 397 1.78 24.42 14.81
N ARG B 398 2.03 25.46 14.01
CA ARG B 398 2.83 25.33 12.80
C ARG B 398 3.83 26.46 12.66
N PRO B 399 5.03 26.17 12.14
CA PRO B 399 5.99 27.24 11.86
C PRO B 399 5.71 27.94 10.54
N THR B 400 6.30 29.11 10.41
CA THR B 400 6.31 29.84 9.16
C THR B 400 7.56 29.51 8.36
N VAL B 401 7.45 29.65 7.05
CA VAL B 401 8.55 29.45 6.13
C VAL B 401 8.38 30.46 5.00
N MET B 402 9.42 30.63 4.20
CA MET B 402 9.24 31.31 2.93
C MET B 402 10.25 30.74 1.96
N ALA B 403 9.93 30.81 0.68
CA ALA B 403 10.79 30.32 -0.39
C ALA B 403 11.60 31.49 -0.94
N ASP B 404 12.93 31.42 -0.83
CA ASP B 404 13.83 32.51 -1.18
C ASP B 404 14.47 32.33 -2.56
N VAL B 405 14.55 33.44 -3.32
CA VAL B 405 15.21 33.39 -4.62
C VAL B 405 16.71 33.31 -4.43
N PHE B 406 17.41 32.71 -5.39
CA PHE B 406 18.82 32.36 -5.16
C PHE B 406 19.75 33.57 -5.13
N MET B 407 19.33 34.74 -5.62
CA MET B 407 20.13 35.96 -5.49
C MET B 407 20.08 36.56 -4.09
N LEU B 408 19.14 36.14 -3.24
CA LEU B 408 19.03 36.75 -1.92
C LEU B 408 20.24 36.35 -1.07
N GLU B 409 21.03 37.34 -0.69
CA GLU B 409 22.21 37.07 0.11
C GLU B 409 21.82 36.41 1.42
N THR B 410 22.60 35.40 1.83
CA THR B 410 22.21 34.59 2.97
C THR B 410 22.32 35.33 4.30
N ASP B 411 22.88 36.53 4.31
CA ASP B 411 22.87 37.34 5.53
C ASP B 411 21.81 38.45 5.47
N SER B 412 20.88 38.39 4.53
CA SER B 412 19.85 39.41 4.46
C SER B 412 18.99 39.39 5.72
N PRO B 413 18.50 40.54 6.17
CA PRO B 413 17.52 40.54 7.29
C PRO B 413 16.24 39.82 6.95
N MET B 414 15.93 39.63 5.66
CA MET B 414 14.72 38.90 5.30
C MET B 414 14.72 37.51 5.93
N LEU B 415 15.88 36.85 5.97
CA LEU B 415 15.91 35.45 6.36
C LEU B 415 15.65 35.26 7.85
N GLU B 416 15.82 36.31 8.65
CA GLU B 416 15.62 36.23 10.09
C GLU B 416 14.16 36.31 10.51
N ILE B 417 13.24 36.63 9.60
CA ILE B 417 11.83 36.84 9.96
C ILE B 417 11.06 35.54 10.15
N PRO B 418 10.94 34.67 9.14
CA PRO B 418 10.17 33.44 9.32
C PRO B 418 10.92 32.44 10.20
N ASP B 419 10.20 31.39 10.63
CA ASP B 419 10.83 30.37 11.46
C ASP B 419 11.81 29.51 10.67
N MET B 420 11.59 29.34 9.37
CA MET B 420 12.40 28.46 8.54
C MET B 420 12.56 29.11 7.19
N ASN B 421 13.52 28.60 6.42
CA ASN B 421 13.77 29.08 5.08
C ASN B 421 14.00 27.91 4.15
N SER B 422 13.55 28.07 2.90
CA SER B 422 13.92 27.20 1.80
C SER B 422 14.32 28.07 0.62
N TYR B 423 15.33 27.61 -0.12
CA TYR B 423 15.76 28.31 -1.31
C TYR B 423 15.23 27.60 -2.54
N ASN B 424 14.82 28.40 -3.53
CA ASN B 424 14.59 27.91 -4.88
C ASN B 424 15.93 27.95 -5.63
N LEU B 425 16.48 26.78 -5.93
CA LEU B 425 17.80 26.71 -6.59
C LEU B 425 17.68 26.05 -7.95
N TYR B 426 18.34 26.64 -8.95
CA TYR B 426 18.41 26.05 -10.28
C TYR B 426 19.85 26.02 -10.80
N PHE B 427 20.82 25.86 -9.90
CA PHE B 427 22.19 25.62 -10.32
C PHE B 427 22.25 24.34 -11.17
N GLY B 428 22.98 24.40 -12.28
CA GLY B 428 23.01 23.31 -13.23
C GLY B 428 21.87 23.32 -14.22
N TRP B 429 20.94 24.26 -14.11
CA TRP B 429 19.95 24.44 -15.17
C TRP B 429 19.96 25.89 -15.63
N TYR B 430 19.41 26.78 -14.81
CA TYR B 430 19.33 28.20 -15.17
C TYR B 430 20.70 28.87 -15.10
N ILE B 431 21.62 28.31 -14.32
CA ILE B 431 22.80 29.03 -13.86
C ILE B 431 23.81 28.02 -13.34
N GLY B 432 25.10 28.26 -13.64
CA GLY B 432 26.21 27.55 -13.03
C GLY B 432 26.20 26.05 -13.28
N GLU B 433 26.82 25.31 -12.36
CA GLU B 433 26.97 23.87 -12.43
C GLU B 433 26.21 23.19 -11.29
N LEU B 434 25.98 21.88 -11.48
CA LEU B 434 25.30 21.06 -10.47
C LEU B 434 25.98 21.13 -9.11
N ASP B 435 27.32 21.16 -9.08
CA ASP B 435 28.07 21.19 -7.83
C ASP B 435 27.68 22.36 -6.95
N GLN B 436 27.22 23.46 -7.55
CA GLN B 436 26.95 24.65 -6.77
C GLN B 436 25.74 24.47 -5.87
N ASN B 437 24.82 23.54 -6.19
CA ASN B 437 23.76 23.18 -5.25
C ASN B 437 24.35 22.62 -3.96
N ASP B 438 25.26 21.65 -4.08
CA ASP B 438 25.95 21.09 -2.91
C ASP B 438 26.66 22.18 -2.12
N SER B 439 27.48 22.98 -2.80
CA SER B 439 28.28 23.96 -2.06
C SER B 439 27.38 25.04 -1.45
N PHE B 440 26.34 25.47 -2.17
CA PHE B 440 25.44 26.46 -1.59
C PHE B 440 24.94 26.01 -0.22
N PHE B 441 24.50 24.75 -0.12
CA PHE B 441 23.95 24.28 1.14
C PHE B 441 25.04 23.97 2.16
N ASP B 442 26.18 23.44 1.74
CA ASP B 442 27.25 23.20 2.70
C ASP B 442 27.67 24.49 3.39
N GLU B 443 27.74 25.59 2.63
CA GLU B 443 28.19 26.86 3.18
C GLU B 443 27.12 27.52 4.04
N TYR B 444 25.85 27.45 3.62
CA TYR B 444 24.77 27.97 4.46
C TYR B 444 24.71 27.22 5.79
N HIS B 445 24.78 25.89 5.73
CA HIS B 445 24.59 25.09 6.93
C HIS B 445 25.80 25.21 7.85
N SER B 446 26.96 25.50 7.29
CA SER B 446 28.19 25.73 8.05
C SER B 446 28.20 27.10 8.70
N THR B 447 27.70 28.11 7.98
CA THR B 447 27.58 29.46 8.56
C THR B 447 26.45 29.53 9.57
N TYR B 448 25.33 28.85 9.33
CA TYR B 448 24.12 29.00 10.15
C TYR B 448 23.63 27.65 10.64
N PRO B 449 24.47 26.91 11.38
CA PRO B 449 24.09 25.55 11.80
C PRO B 449 22.81 25.50 12.64
N ASP B 450 22.34 26.61 13.19
CA ASP B 450 21.13 26.61 14.00
C ASP B 450 19.89 27.02 13.22
N ARG B 451 20.03 27.33 11.94
CA ARG B 451 18.87 27.66 11.12
C ARG B 451 18.37 26.42 10.41
N VAL B 452 17.04 26.34 10.22
CA VAL B 452 16.44 25.31 9.40
C VAL B 452 16.49 25.75 7.94
N ILE B 453 17.02 24.90 7.07
CA ILE B 453 17.19 25.22 5.67
C ILE B 453 16.64 24.07 4.84
N GLY B 454 15.97 24.41 3.74
CA GLY B 454 15.43 23.41 2.84
C GLY B 454 15.58 23.80 1.38
N LEU B 455 14.96 23.03 0.50
CA LEU B 455 15.05 23.20 -0.96
C LEU B 455 13.62 23.18 -1.50
N SER B 456 13.05 24.37 -1.68
CA SER B 456 11.63 24.48 -1.97
C SER B 456 11.32 24.41 -3.47
N GLU B 457 12.35 24.50 -4.31
CA GLU B 457 12.21 24.41 -5.76
C GLU B 457 13.54 23.96 -6.32
N TYR B 458 13.48 23.07 -7.31
CA TYR B 458 14.65 22.68 -8.09
C TYR B 458 14.16 21.79 -9.21
N GLY B 459 14.75 21.97 -10.39
CA GLY B 459 14.29 21.25 -11.56
C GLY B 459 15.00 21.72 -12.81
N ALA B 460 14.60 21.09 -13.91
CA ALA B 460 15.13 21.39 -15.23
C ALA B 460 14.07 20.97 -16.24
N ASP B 461 14.00 21.71 -17.34
CA ASP B 461 13.01 21.45 -18.37
C ASP B 461 13.35 20.21 -19.17
N ALA B 462 12.31 19.45 -19.52
CA ALA B 462 12.43 18.32 -20.43
C ALA B 462 11.24 18.28 -21.36
N ASN B 463 11.52 18.23 -22.66
CA ASN B 463 10.51 17.96 -23.67
C ASN B 463 10.67 16.51 -24.10
N PRO B 464 9.71 15.63 -23.80
CA PRO B 464 9.89 14.20 -24.16
C PRO B 464 10.12 13.97 -25.65
N ALA B 465 9.98 14.99 -26.50
CA ALA B 465 10.30 14.87 -27.92
C ALA B 465 11.80 14.89 -28.20
N TYR B 466 12.60 15.42 -27.28
CA TYR B 466 14.01 15.70 -27.54
C TYR B 466 14.89 14.72 -26.78
N HIS B 467 15.97 14.27 -27.43
CA HIS B 467 16.85 13.27 -26.86
C HIS B 467 18.26 13.47 -27.38
N SER B 468 19.23 12.95 -26.64
CA SER B 468 20.63 13.07 -27.04
C SER B 468 21.43 12.03 -26.28
N ALA B 469 22.37 11.39 -26.97
CA ALA B 469 23.27 10.48 -26.28
C ALA B 469 24.30 11.23 -25.44
N ASN B 470 24.38 12.54 -25.58
CA ASN B 470 25.33 13.38 -24.85
C ASN B 470 24.58 14.58 -24.30
N PRO B 471 23.66 14.35 -23.36
CA PRO B 471 22.80 15.45 -22.92
C PRO B 471 23.62 16.54 -22.26
N GLU B 472 23.16 17.76 -22.43
CA GLU B 472 23.82 18.86 -21.74
C GLU B 472 22.78 19.93 -21.43
N ARG B 473 23.11 20.75 -20.46
CA ARG B 473 22.19 21.76 -19.96
C ARG B 473 21.75 22.69 -21.09
N GLY B 474 20.44 22.79 -21.29
CA GLY B 474 19.89 23.67 -22.31
C GLY B 474 19.41 22.99 -23.58
N ASP B 475 19.71 21.70 -23.76
CA ASP B 475 19.17 21.02 -24.94
C ASP B 475 17.72 20.57 -24.73
N TYR B 476 17.19 20.74 -23.52
CA TYR B 476 15.79 20.42 -23.22
C TYR B 476 15.46 18.95 -23.40
N THR B 477 16.47 18.08 -23.37
CA THR B 477 16.24 16.66 -23.60
C THR B 477 15.68 15.98 -22.35
N GLU B 478 14.89 14.93 -22.59
CA GLU B 478 14.50 14.05 -21.50
C GLU B 478 15.73 13.49 -20.77
N GLU B 479 16.84 13.27 -21.48
CA GLU B 479 18.03 12.69 -20.85
C GLU B 479 18.72 13.66 -19.89
N TYR B 480 18.79 14.94 -20.22
CA TYR B 480 19.48 15.83 -19.29
C TYR B 480 18.68 16.02 -18.01
N GLN B 481 17.34 15.98 -18.08
CA GLN B 481 16.55 16.10 -16.85
C GLN B 481 16.83 14.95 -15.89
N CYS B 482 17.08 13.75 -16.43
CA CYS B 482 17.54 12.61 -15.63
C CYS B 482 18.91 12.86 -15.01
N VAL B 483 19.87 13.33 -15.81
CA VAL B 483 21.19 13.70 -15.30
C VAL B 483 21.06 14.70 -14.16
N TYR B 484 20.20 15.71 -14.35
CA TYR B 484 20.03 16.74 -13.33
C TYR B 484 19.46 16.15 -12.03
N HIS B 485 18.39 15.38 -12.14
CA HIS B 485 17.77 14.88 -10.93
C HIS B 485 18.58 13.75 -10.28
N GLU B 486 19.34 12.99 -11.07
CA GLU B 486 20.24 12.00 -10.48
C GLU B 486 21.24 12.68 -9.55
N HIS B 487 21.77 13.82 -9.96
CA HIS B 487 22.72 14.54 -9.12
C HIS B 487 22.04 15.14 -7.89
N MET B 488 20.90 15.81 -8.09
CA MET B 488 20.20 16.43 -6.97
C MET B 488 19.77 15.39 -5.95
N ALA B 489 19.28 14.24 -6.40
CA ALA B 489 18.84 13.20 -5.48
C ALA B 489 19.98 12.71 -4.59
N LYS B 490 21.17 12.51 -5.17
CA LYS B 490 22.32 12.12 -4.37
C LYS B 490 22.76 13.26 -3.46
N MET B 491 22.78 14.48 -3.97
CA MET B 491 23.11 15.64 -3.17
C MET B 491 22.19 15.75 -1.96
N ILE B 492 20.89 15.53 -2.16
CA ILE B 492 19.94 15.59 -1.05
C ILE B 492 20.19 14.44 -0.07
N GLU B 493 20.38 13.23 -0.60
CA GLU B 493 20.60 12.07 0.26
C GLU B 493 21.81 12.27 1.17
N GLU B 494 22.76 13.10 0.77
CA GLU B 494 23.95 13.34 1.56
C GLU B 494 23.73 14.34 2.69
N ARG B 495 22.57 14.98 2.72
CA ARG B 495 22.33 16.16 3.56
C ARG B 495 21.03 16.00 4.30
N PRO B 496 21.02 15.17 5.36
CA PRO B 496 19.79 14.99 6.15
C PRO B 496 19.30 16.25 6.86
N TYR B 497 20.10 17.33 6.88
CA TYR B 497 19.66 18.57 7.52
C TYR B 497 18.71 19.38 6.67
N LEU B 498 18.62 19.10 5.37
CA LEU B 498 17.55 19.69 4.56
C LEU B 498 16.20 19.24 5.10
N TRP B 499 15.40 20.19 5.61
CA TRP B 499 14.17 19.79 6.29
C TRP B 499 13.14 19.25 5.31
N ALA B 500 13.01 19.88 4.15
CA ALA B 500 12.11 19.39 3.12
C ALA B 500 12.70 19.73 1.75
N THR B 501 12.48 18.83 0.79
CA THR B 501 12.88 19.10 -0.59
C THR B 501 11.68 18.83 -1.49
N HIS B 502 11.55 19.64 -2.54
CA HIS B 502 10.36 19.65 -3.40
C HIS B 502 10.80 19.82 -4.85
N VAL B 503 10.64 18.76 -5.66
CA VAL B 503 10.86 18.88 -7.09
C VAL B 503 9.88 19.88 -7.67
N TRP B 504 10.40 20.84 -8.42
CA TRP B 504 9.62 21.71 -9.27
C TRP B 504 9.76 21.14 -10.67
N ASN B 505 8.76 20.41 -11.15
CA ASN B 505 7.40 20.32 -10.61
C ASN B 505 6.92 18.89 -10.89
N LEU B 506 5.88 18.41 -10.21
CA LEU B 506 5.40 17.08 -10.58
C LEU B 506 4.82 17.09 -12.00
N PHE B 507 4.18 18.20 -12.38
CA PHE B 507 3.50 18.31 -13.65
C PHE B 507 3.96 19.54 -14.39
N ASP B 508 4.08 19.41 -15.71
CA ASP B 508 4.08 20.59 -16.55
C ASP B 508 2.83 21.41 -16.23
N PHE B 509 2.92 22.72 -16.44
CA PHE B 509 1.82 23.62 -16.09
C PHE B 509 1.84 24.84 -17.02
N ALA B 510 0.70 25.51 -17.09
CA ALA B 510 0.51 26.61 -18.04
C ALA B 510 1.23 27.88 -17.57
N ALA B 511 1.96 28.49 -18.48
CA ALA B 511 2.57 29.80 -18.24
C ALA B 511 2.54 30.50 -19.60
N ASP B 512 1.46 31.23 -19.84
CA ASP B 512 1.19 31.72 -21.19
C ASP B 512 2.30 32.62 -21.72
N GLY B 513 3.14 33.18 -20.84
CA GLY B 513 4.25 34.04 -21.25
C GLY B 513 5.50 33.31 -21.67
N ARG B 514 5.61 32.01 -21.40
CA ARG B 514 6.76 31.22 -21.82
C ARG B 514 6.61 30.77 -23.26
N ASP B 515 7.70 30.81 -24.00
CA ASP B 515 7.74 30.22 -25.34
C ASP B 515 9.12 29.57 -25.48
N GLU B 516 9.33 28.50 -24.72
CA GLU B 516 10.63 27.87 -24.56
C GLU B 516 10.53 26.38 -24.90
N GLY B 517 11.70 25.78 -25.13
CA GLY B 517 11.84 24.34 -25.29
C GLY B 517 10.84 23.65 -26.19
N GLY B 518 10.40 24.34 -27.26
CA GLY B 518 9.56 23.72 -28.27
C GLY B 518 8.10 23.54 -27.91
N ARG B 519 7.64 24.06 -26.77
CA ARG B 519 6.21 24.05 -26.43
C ARG B 519 5.82 25.44 -25.96
N HIS B 520 4.86 26.04 -26.65
CA HIS B 520 4.44 27.40 -26.36
C HIS B 520 3.46 27.41 -25.18
N GLY B 521 3.78 28.15 -24.13
CA GLY B 521 2.83 28.35 -23.06
C GLY B 521 2.89 27.36 -21.92
N GLU B 522 3.95 26.56 -21.83
CA GLU B 522 4.06 25.54 -20.79
C GLU B 522 5.42 25.63 -20.12
N ASN B 523 5.44 25.46 -18.81
CA ASN B 523 6.67 25.18 -18.09
C ASN B 523 6.86 23.67 -18.14
N GLN B 524 8.01 23.22 -18.66
CA GLN B 524 8.26 21.81 -18.89
C GLN B 524 9.16 21.19 -17.83
N LYS B 525 9.22 21.78 -16.63
CA LYS B 525 9.98 21.19 -15.54
C LYS B 525 9.25 20.03 -14.89
N GLY B 526 8.04 19.71 -15.33
CA GLY B 526 7.32 18.59 -14.77
C GLY B 526 8.09 17.29 -14.92
N LEU B 527 7.87 16.39 -13.96
CA LEU B 527 8.22 14.99 -14.15
C LEU B 527 7.16 14.25 -14.95
N VAL B 528 6.00 14.87 -15.16
CA VAL B 528 4.88 14.33 -15.91
C VAL B 528 4.34 15.45 -16.79
N THR B 529 3.83 15.10 -17.96
CA THR B 529 3.31 16.12 -18.86
C THR B 529 2.00 16.72 -18.35
N MET B 530 1.64 17.87 -18.94
CA MET B 530 0.51 18.65 -18.44
C MET B 530 -0.83 17.93 -18.61
N ASP B 531 -0.93 16.98 -19.54
CA ASP B 531 -2.15 16.21 -19.72
C ASP B 531 -2.15 14.94 -18.88
N ARG B 532 -1.11 14.71 -18.07
CA ARG B 532 -0.99 13.60 -17.14
C ARG B 532 -0.81 12.26 -17.85
N ARG B 533 -0.51 12.27 -19.15
CA ARG B 533 -0.48 11.06 -19.95
C ARG B 533 0.92 10.48 -20.13
N ILE B 534 1.99 11.23 -19.90
CA ILE B 534 3.35 10.72 -20.08
C ILE B 534 4.15 11.02 -18.83
N LYS B 535 4.68 9.98 -18.21
CA LYS B 535 5.60 10.13 -17.10
C LYS B 535 7.00 10.12 -17.68
N LYS B 536 7.71 11.25 -17.54
CA LYS B 536 9.03 11.37 -18.14
C LYS B 536 10.01 10.48 -17.41
N ASP B 537 11.15 10.22 -18.06
CA ASP B 537 12.10 9.27 -17.47
C ASP B 537 12.50 9.71 -16.06
N ALA B 538 12.61 11.02 -15.81
CA ALA B 538 13.06 11.49 -14.49
C ALA B 538 12.05 11.21 -13.39
N PHE B 539 10.78 11.01 -13.73
CA PHE B 539 9.82 10.53 -12.75
C PHE B 539 10.30 9.23 -12.12
N TYR B 540 10.89 8.33 -12.90
CA TYR B 540 11.24 7.02 -12.38
C TYR B 540 12.55 6.99 -11.61
N VAL B 541 13.40 8.03 -11.69
CA VAL B 541 14.51 8.05 -10.75
C VAL B 541 13.99 8.27 -9.34
N TYR B 542 13.01 9.17 -9.18
CA TYR B 542 12.44 9.40 -7.86
C TYR B 542 11.60 8.20 -7.40
N LYS B 543 10.91 7.54 -8.33
CA LYS B 543 10.21 6.31 -7.95
C LYS B 543 11.20 5.27 -7.44
N ALA B 544 12.41 5.21 -8.01
CA ALA B 544 13.40 4.24 -7.55
C ALA B 544 13.87 4.57 -6.14
N TYR B 545 13.98 5.86 -5.81
CA TYR B 545 14.38 6.29 -4.48
C TYR B 545 13.27 6.13 -3.46
N TRP B 546 12.01 6.29 -3.86
CA TRP B 546 10.92 6.50 -2.91
C TRP B 546 9.95 5.34 -2.83
N SER B 547 9.49 4.81 -3.97
CA SER B 547 8.43 3.82 -3.99
C SER B 547 8.88 2.50 -3.40
N LYS B 548 7.93 1.81 -2.77
CA LYS B 548 8.15 0.45 -2.30
C LYS B 548 7.51 -0.60 -3.21
N ALA B 549 6.79 -0.19 -4.24
CA ALA B 549 6.18 -1.13 -5.17
C ALA B 549 7.21 -1.57 -6.19
N PRO B 550 7.52 -2.86 -6.29
CA PRO B 550 8.60 -3.28 -7.20
C PRO B 550 8.31 -2.84 -8.62
N PHE B 551 9.33 -2.29 -9.29
CA PHE B 551 9.23 -1.97 -10.71
C PHE B 551 10.60 -2.01 -11.37
N VAL B 552 10.59 -2.14 -12.70
CA VAL B 552 11.74 -1.80 -13.53
C VAL B 552 11.26 -0.89 -14.64
N HIS B 553 12.04 0.14 -14.94
CA HIS B 553 11.69 1.10 -15.98
C HIS B 553 12.88 1.32 -16.90
N LEU B 554 12.70 1.03 -18.18
CA LEU B 554 13.71 1.34 -19.18
C LEU B 554 13.58 2.80 -19.59
N CYS B 555 14.64 3.58 -19.42
CA CYS B 555 14.69 4.89 -20.04
C CYS B 555 14.79 4.79 -21.55
N GLY B 556 14.55 5.92 -22.20
CA GLY B 556 14.79 6.01 -23.62
C GLY B 556 13.73 5.37 -24.47
N SER B 557 12.51 5.16 -23.95
CA SER B 557 11.44 4.61 -24.77
C SER B 557 11.05 5.57 -25.89
N ARG B 558 11.40 6.85 -25.77
CA ARG B 558 11.23 7.81 -26.84
C ARG B 558 12.54 8.18 -27.54
N TYR B 559 13.69 7.70 -27.04
CA TYR B 559 14.96 7.82 -27.75
C TYR B 559 15.21 6.52 -28.52
N THR B 560 14.48 6.37 -29.62
CA THR B 560 14.46 5.15 -30.42
C THR B 560 15.52 5.14 -31.51
N ASP B 561 15.56 6.18 -32.34
CA ASP B 561 16.56 6.30 -33.40
C ASP B 561 17.88 6.71 -32.76
N ARG B 562 18.88 5.83 -32.83
CA ARG B 562 20.17 6.08 -32.19
C ARG B 562 21.30 5.89 -33.20
N ALA B 563 22.11 6.93 -33.38
CA ALA B 563 23.17 6.88 -34.37
C ALA B 563 24.42 6.15 -33.89
N GLU B 564 24.62 5.99 -32.59
CA GLU B 564 25.90 5.50 -32.09
C GLU B 564 25.98 3.97 -32.18
N ASP B 565 27.21 3.48 -32.36
CA ASP B 565 27.42 2.03 -32.51
C ASP B 565 27.29 1.30 -31.19
N VAL B 566 27.53 1.97 -30.07
CA VAL B 566 27.34 1.42 -28.74
C VAL B 566 26.56 2.45 -27.92
N THR B 567 25.43 2.02 -27.38
CA THR B 567 24.51 2.92 -26.72
C THR B 567 24.38 2.53 -25.25
N GLU B 568 24.02 3.51 -24.43
CA GLU B 568 23.74 3.25 -23.03
C GLU B 568 22.26 2.94 -22.87
N ILE B 569 21.95 1.79 -22.29
CA ILE B 569 20.60 1.47 -21.85
C ILE B 569 20.56 1.67 -20.34
N LYS B 570 19.69 2.57 -19.89
CA LYS B 570 19.56 2.89 -18.48
C LYS B 570 18.22 2.37 -17.95
N VAL B 571 18.27 1.66 -16.84
CA VAL B 571 17.09 1.16 -16.14
C VAL B 571 17.03 1.81 -14.76
N TYR B 572 15.85 2.31 -14.40
CA TYR B 572 15.58 2.73 -13.04
C TYR B 572 14.78 1.63 -12.35
N SER B 573 15.14 1.35 -11.10
CA SER B 573 14.48 0.26 -10.38
C SER B 573 14.72 0.41 -8.89
N ASN B 574 13.74 -0.04 -8.10
CA ASN B 574 13.92 -0.20 -6.67
C ASN B 574 14.29 -1.64 -6.30
N GLN B 575 14.50 -2.50 -7.28
CA GLN B 575 15.08 -3.82 -7.05
C GLN B 575 16.61 -3.72 -7.02
N LYS B 576 17.25 -4.80 -6.62
CA LYS B 576 18.68 -4.75 -6.46
C LYS B 576 19.44 -5.42 -7.61
N LYS B 577 18.73 -6.05 -8.53
CA LYS B 577 19.35 -6.79 -9.63
C LYS B 577 18.50 -6.63 -10.88
N VAL B 578 19.15 -6.40 -12.03
CA VAL B 578 18.43 -6.27 -13.29
C VAL B 578 19.12 -7.08 -14.38
N SER B 579 18.33 -7.80 -15.17
CA SER B 579 18.79 -8.56 -16.32
C SER B 579 18.32 -7.90 -17.61
N LEU B 580 19.26 -7.67 -18.52
CA LEU B 580 18.94 -7.11 -19.83
C LEU B 580 18.95 -8.20 -20.89
N PHE B 581 17.95 -8.16 -21.77
CA PHE B 581 17.87 -9.06 -22.91
C PHE B 581 17.84 -8.24 -24.18
N VAL B 582 18.63 -8.66 -25.17
CA VAL B 582 18.66 -8.02 -26.48
C VAL B 582 18.15 -9.03 -27.49
N ASP B 583 16.99 -8.75 -28.10
CA ASP B 583 16.41 -9.63 -29.10
C ASP B 583 16.18 -11.03 -28.55
N GLY B 584 15.75 -11.10 -27.29
CA GLY B 584 15.43 -12.34 -26.65
C GLY B 584 16.59 -13.09 -26.04
N ALA B 585 17.83 -12.67 -26.25
CA ALA B 585 19.00 -13.30 -25.64
C ALA B 585 19.50 -12.45 -24.47
N GLU B 586 19.74 -13.11 -23.33
CA GLU B 586 20.31 -12.42 -22.18
C GLU B 586 21.67 -11.86 -22.53
N LYS B 587 21.88 -10.57 -22.26
CA LYS B 587 23.14 -9.91 -22.57
C LYS B 587 23.97 -9.58 -21.34
N GLU B 588 23.35 -9.37 -20.18
CA GLU B 588 24.10 -8.97 -19.00
C GLU B 588 23.17 -8.80 -17.82
N THR B 589 23.64 -9.14 -16.62
CA THR B 589 22.92 -8.92 -15.38
C THR B 589 23.81 -8.10 -14.45
N LYS B 590 23.25 -7.03 -13.91
CA LYS B 590 23.97 -6.17 -12.97
C LYS B 590 23.24 -6.11 -11.63
N GLU B 591 24.02 -6.00 -10.57
CA GLU B 591 23.51 -5.63 -9.27
C GLU B 591 23.79 -4.16 -9.01
N GLY B 592 23.00 -3.58 -8.14
CA GLY B 592 23.18 -2.19 -7.77
C GLY B 592 21.95 -1.68 -7.05
N ALA B 593 21.80 -0.37 -7.08
CA ALA B 593 20.66 0.27 -6.43
C ALA B 593 20.17 1.43 -7.29
N ARG B 594 18.88 1.41 -7.62
CA ARG B 594 18.22 2.56 -8.22
C ARG B 594 18.52 2.73 -9.69
N ILE B 595 19.80 2.90 -10.05
CA ILE B 595 20.21 3.19 -11.42
C ILE B 595 21.07 2.04 -11.94
N PHE B 596 20.68 1.47 -13.09
CA PHE B 596 21.42 0.39 -13.71
C PHE B 596 21.72 0.82 -15.14
N ARG B 597 23.00 0.78 -15.52
CA ARG B 597 23.47 1.26 -16.82
C ARG B 597 24.16 0.13 -17.58
N PHE B 598 23.74 -0.10 -18.82
CA PHE B 598 24.28 -1.15 -19.68
C PHE B 598 24.82 -0.54 -20.97
N ARG B 599 25.99 -1.01 -21.42
CA ARG B 599 26.51 -0.70 -22.75
C ARG B 599 26.01 -1.77 -23.71
N VAL B 600 25.34 -1.35 -24.79
CA VAL B 600 24.77 -2.27 -25.76
C VAL B 600 25.23 -1.88 -27.15
N PRO B 601 26.05 -2.71 -27.82
CA PRO B 601 26.30 -2.47 -29.25
C PRO B 601 25.04 -2.77 -30.06
N ILE B 602 24.68 -1.85 -30.93
CA ILE B 602 23.47 -1.96 -31.75
C ILE B 602 23.89 -1.88 -33.21
N THR B 603 23.23 -2.67 -34.05
CA THR B 603 23.54 -2.74 -35.46
C THR B 603 22.29 -2.67 -36.35
N GLY B 604 21.10 -2.81 -35.79
CA GLY B 604 19.86 -2.79 -36.55
C GLY B 604 18.73 -2.32 -35.67
N THR B 605 17.58 -3.01 -35.77
CA THR B 605 16.42 -2.69 -34.96
C THR B 605 16.26 -3.77 -33.88
N HIS B 606 16.38 -3.36 -32.61
CA HIS B 606 16.50 -4.29 -31.50
C HIS B 606 15.37 -4.13 -30.50
N THR B 607 14.89 -5.26 -29.99
CA THR B 607 13.95 -5.30 -28.88
C THR B 607 14.76 -5.45 -27.60
N ILE B 608 14.68 -4.44 -26.73
CA ILE B 608 15.43 -4.43 -25.47
C ILE B 608 14.47 -4.68 -24.33
N ARG B 609 14.79 -5.67 -23.50
CA ARG B 609 13.92 -6.09 -22.42
C ARG B 609 14.70 -6.12 -21.12
N ALA B 610 14.15 -5.47 -20.09
CA ALA B 610 14.73 -5.46 -18.76
C ALA B 610 13.87 -6.27 -17.81
N VAL B 611 14.50 -7.10 -16.99
CA VAL B 611 13.79 -8.02 -16.10
C VAL B 611 14.40 -7.96 -14.72
N SER B 612 13.54 -7.94 -13.70
CA SER B 612 13.97 -8.20 -12.33
C SER B 612 12.82 -8.93 -11.65
N GLY B 613 13.01 -10.20 -11.32
CA GLY B 613 11.94 -10.99 -10.75
C GLY B 613 10.72 -10.99 -11.66
N ASP B 614 9.58 -10.56 -11.12
CA ASP B 614 8.35 -10.53 -11.89
C ASP B 614 8.17 -9.25 -12.68
N CYS B 615 9.04 -8.27 -12.51
CA CYS B 615 8.92 -6.98 -13.17
C CYS B 615 9.66 -6.98 -14.51
N THR B 616 8.99 -6.49 -15.55
CA THR B 616 9.66 -6.36 -16.85
C THR B 616 9.27 -5.05 -17.51
N ASP B 617 10.13 -4.60 -18.41
CA ASP B 617 9.86 -3.48 -19.28
C ASP B 617 10.56 -3.76 -20.60
N GLU B 618 10.21 -2.98 -21.63
CA GLU B 618 10.65 -3.30 -22.98
C GLU B 618 10.59 -2.05 -23.83
N ILE B 619 11.65 -1.78 -24.60
CA ILE B 619 11.66 -0.68 -25.55
C ILE B 619 12.30 -1.15 -26.85
N THR B 620 12.17 -0.30 -27.86
CA THR B 620 12.82 -0.51 -29.15
C THR B 620 14.01 0.42 -29.26
N VAL B 621 15.13 -0.12 -29.75
CA VAL B 621 16.30 0.68 -30.05
C VAL B 621 16.71 0.36 -31.46
N ARG B 622 16.91 1.39 -32.27
CA ARG B 622 17.03 1.23 -33.71
C ARG B 622 18.23 2.01 -34.21
N LYS B 623 19.27 1.29 -34.62
CA LYS B 623 20.45 1.96 -35.15
C LYS B 623 20.12 2.68 -36.45
N VAL B 624 20.56 3.94 -36.54
CA VAL B 624 20.38 4.77 -37.73
C VAL B 624 21.73 5.34 -38.12
N ASP B 625 21.84 5.77 -39.39
CA ASP B 625 23.11 6.30 -39.90
C ASP B 625 23.40 7.69 -39.33
N GLU B 626 22.39 8.54 -39.25
CA GLU B 626 22.54 9.93 -38.83
C GLU B 626 21.57 10.24 -37.70
N PRO B 627 21.97 11.08 -36.75
CA PRO B 627 21.05 11.43 -35.66
C PRO B 627 19.71 11.88 -36.21
N ASN B 628 18.64 11.48 -35.54
CA ASN B 628 17.30 11.91 -35.95
C ASN B 628 17.17 13.40 -35.63
N PRO B 629 16.92 14.25 -36.61
CA PRO B 629 16.82 15.69 -36.32
C PRO B 629 15.59 16.06 -35.50
N ASP B 630 14.52 15.26 -35.54
CA ASP B 630 13.37 15.56 -34.71
C ASP B 630 13.69 15.52 -33.22
N TYR B 631 14.77 14.83 -32.81
CA TYR B 631 15.16 14.76 -31.40
C TYR B 631 15.93 15.99 -30.94
N ILE B 632 16.12 16.99 -31.80
CA ILE B 632 17.06 18.06 -31.54
C ILE B 632 16.32 19.38 -31.55
N PHE B 633 16.39 20.10 -30.42
CA PHE B 633 15.82 21.45 -30.35
C PHE B 633 16.50 22.40 -31.32
N ASN B 634 17.83 22.34 -31.43
CA ASN B 634 18.57 23.12 -32.44
C ASN B 634 18.29 22.65 -33.87
#